data_4HVF
#
_entry.id   4HVF
#
_cell.length_a   72.187
_cell.length_b   105.802
_cell.length_c   121.130
_cell.angle_alpha   90.000
_cell.angle_beta   90.000
_cell.angle_gamma   90.000
#
_symmetry.space_group_name_H-M   'P 21 21 21'
#
loop_
_entity.id
_entity.type
_entity.pdbx_description
1 polymer 'Green fluorescent protein blFP-Y6'
2 non-polymer GLYCEROL
3 water water
#
_entity_poly.entity_id   1
_entity_poly.type   'polypeptide(L)'
_entity_poly.pdbx_seq_one_letter_code
;MHHHHHHGSLLPATHELHIFGSINSLEFDLVGRGTGNPKEGYEELHLKSTKSALQFSPWILVPQI(CR2)FYQYLPFPDG
AMSPFQAAMNDGSGYQVHRTMQFEDGATLTGIYRYTYEGTHIKGEFQVIGTGFPADGPVMTNSLTAADWCVTKIVYPNEN
TIIDKFDWTYTTTSGKRYQSNVRSNFTFAKPIAANILQKQPMFVFRKTELKHSKTELNFKEWQTAFSDVM
;
_entity_poly.pdbx_strand_id   A,B,C,D
#
loop_
_chem_comp.id
_chem_comp.type
_chem_comp.name
_chem_comp.formula
GOL non-polymer GLYCEROL 'C3 H8 O3'
#
# COMPACT_ATOMS: atom_id res chain seq x y z
N SER A 9 -39.07 -13.82 6.89
CA SER A 9 -37.69 -13.68 6.41
C SER A 9 -37.58 -13.75 4.89
N LEU A 10 -37.58 -12.59 4.22
CA LEU A 10 -37.66 -12.43 2.76
C LEU A 10 -36.38 -12.19 1.90
N LEU A 11 -35.80 -13.29 1.72
CA LEU A 11 -34.52 -13.51 1.13
C LEU A 11 -34.60 -13.47 -0.39
N PRO A 12 -33.42 -13.16 -1.07
CA PRO A 12 -33.57 -13.05 -2.50
C PRO A 12 -33.80 -14.39 -3.20
N ALA A 13 -34.47 -14.35 -4.35
CA ALA A 13 -34.56 -15.51 -5.22
C ALA A 13 -34.07 -15.21 -6.64
N THR A 14 -34.22 -13.95 -7.05
CA THR A 14 -33.79 -13.54 -8.40
C THR A 14 -33.06 -12.20 -8.30
N HIS A 15 -32.31 -11.86 -9.32
CA HIS A 15 -31.74 -10.55 -9.39
C HIS A 15 -31.51 -10.14 -10.82
N GLU A 16 -31.19 -8.87 -11.00
CA GLU A 16 -30.82 -8.37 -12.33
C GLU A 16 -29.74 -7.31 -12.12
N LEU A 17 -28.92 -7.15 -13.15
CA LEU A 17 -27.81 -6.23 -13.04
C LEU A 17 -27.67 -5.42 -14.28
N HIS A 18 -27.49 -4.10 -14.11
CA HIS A 18 -26.94 -3.29 -15.18
C HIS A 18 -25.58 -2.77 -14.67
N ILE A 19 -24.53 -3.17 -15.37
CA ILE A 19 -23.18 -2.78 -14.97
C ILE A 19 -22.58 -1.99 -16.15
N PHE A 20 -22.00 -0.83 -15.82
CA PHE A 20 -21.55 0.07 -16.85
C PHE A 20 -20.35 0.83 -16.32
N GLY A 21 -19.63 1.47 -17.26
CA GLY A 21 -18.47 2.29 -16.91
C GLY A 21 -17.49 2.19 -18.04
N SER A 22 -16.21 2.14 -17.69
CA SER A 22 -15.19 2.09 -18.76
C SER A 22 -13.91 1.50 -18.17
N ILE A 23 -13.12 0.89 -19.05
CA ILE A 23 -11.79 0.35 -18.77
C ILE A 23 -10.83 1.05 -19.70
N ASN A 24 -9.92 1.78 -19.08
CA ASN A 24 -8.94 2.64 -19.87
C ASN A 24 -9.66 3.51 -20.87
N SER A 25 -10.80 4.11 -20.40
CA SER A 25 -11.74 5.00 -21.12
C SER A 25 -12.61 4.32 -22.16
N LEU A 26 -12.46 2.99 -22.31
CA LEU A 26 -13.29 2.19 -23.28
C LEU A 26 -14.60 1.88 -22.59
N GLU A 27 -15.69 2.49 -23.09
N GLU A 27 -15.68 2.46 -23.10
CA GLU A 27 -16.99 2.32 -22.43
CA GLU A 27 -16.97 2.29 -22.41
C GLU A 27 -17.55 0.92 -22.58
C GLU A 27 -17.56 0.91 -22.57
N PHE A 28 -18.24 0.44 -21.53
CA PHE A 28 -18.95 -0.88 -21.64
C PHE A 28 -20.31 -0.73 -20.93
N ASP A 29 -21.23 -1.66 -21.24
CA ASP A 29 -22.51 -1.61 -20.63
C ASP A 29 -23.11 -2.93 -20.81
N LEU A 30 -23.48 -3.62 -19.69
CA LEU A 30 -24.11 -4.95 -19.89
C LEU A 30 -25.34 -5.02 -19.03
N VAL A 31 -26.28 -5.87 -19.45
CA VAL A 31 -27.52 -6.08 -18.67
C VAL A 31 -27.87 -7.54 -18.64
N GLY A 32 -28.53 -7.92 -17.56
CA GLY A 32 -29.00 -9.30 -17.55
C GLY A 32 -29.56 -9.71 -16.23
N ARG A 33 -30.07 -10.93 -16.17
CA ARG A 33 -30.79 -11.39 -15.00
C ARG A 33 -30.15 -12.64 -14.47
N GLY A 34 -30.54 -13.01 -13.26
CA GLY A 34 -29.97 -14.20 -12.61
C GLY A 34 -30.88 -14.73 -11.53
N THR A 35 -30.38 -15.78 -10.89
CA THR A 35 -31.13 -16.42 -9.77
C THR A 35 -30.11 -16.83 -8.71
N GLY A 36 -30.57 -17.24 -7.53
CA GLY A 36 -29.62 -17.81 -6.62
C GLY A 36 -30.34 -18.49 -5.47
N ASN A 37 -29.54 -18.97 -4.52
CA ASN A 37 -30.07 -19.72 -3.41
C ASN A 37 -29.46 -19.13 -2.17
N PRO A 38 -30.22 -18.35 -1.43
CA PRO A 38 -29.64 -17.52 -0.37
C PRO A 38 -29.41 -18.37 0.92
N LYS A 39 -29.85 -19.61 0.93
CA LYS A 39 -29.50 -20.53 1.99
C LYS A 39 -28.25 -21.35 1.71
N GLU A 40 -27.83 -21.38 0.46
CA GLU A 40 -26.66 -22.14 0.01
C GLU A 40 -25.43 -21.24 -0.35
N GLY A 41 -25.68 -19.95 -0.52
CA GLY A 41 -24.65 -18.99 -0.96
C GLY A 41 -24.33 -19.17 -2.44
N TYR A 42 -25.35 -19.44 -3.26
CA TYR A 42 -25.14 -19.62 -4.68
C TYR A 42 -25.87 -18.58 -5.48
N GLU A 43 -25.23 -18.13 -6.59
CA GLU A 43 -25.92 -17.20 -7.50
C GLU A 43 -25.38 -17.49 -8.92
N GLU A 44 -26.21 -17.22 -9.91
CA GLU A 44 -25.79 -17.28 -11.31
C GLU A 44 -26.37 -16.09 -12.01
N LEU A 45 -25.68 -15.61 -13.04
CA LEU A 45 -26.11 -14.37 -13.68
C LEU A 45 -25.73 -14.45 -15.17
N HIS A 46 -26.64 -14.05 -16.03
N HIS A 46 -26.63 -14.02 -16.03
CA HIS A 46 -26.33 -13.98 -17.47
CA HIS A 46 -26.35 -14.02 -17.47
C HIS A 46 -26.37 -12.55 -17.95
C HIS A 46 -26.40 -12.58 -17.99
N LEU A 47 -25.27 -12.07 -18.47
CA LEU A 47 -25.22 -10.68 -18.93
C LEU A 47 -24.96 -10.65 -20.42
N LYS A 48 -25.48 -9.62 -21.07
CA LYS A 48 -25.17 -9.34 -22.46
C LYS A 48 -24.82 -7.90 -22.65
N SER A 49 -23.81 -7.68 -23.47
CA SER A 49 -23.42 -6.30 -23.75
C SER A 49 -24.51 -5.59 -24.55
N THR A 50 -24.62 -4.32 -24.24
CA THR A 50 -25.56 -3.40 -24.99
C THR A 50 -24.72 -2.50 -25.95
N LYS A 51 -23.41 -2.69 -25.98
CA LYS A 51 -22.46 -1.90 -26.78
C LYS A 51 -21.44 -2.74 -27.55
N SER A 52 -21.90 -3.82 -28.07
CA SER A 52 -20.99 -4.77 -28.69
C SER A 52 -19.80 -5.27 -27.87
N ALA A 53 -18.80 -5.75 -28.58
CA ALA A 53 -17.77 -6.52 -27.99
C ALA A 53 -17.01 -5.76 -26.90
N LEU A 54 -16.74 -6.43 -25.81
CA LEU A 54 -15.87 -5.91 -24.81
C LEU A 54 -14.44 -5.84 -25.35
N GLN A 55 -13.82 -4.71 -25.14
CA GLN A 55 -12.51 -4.51 -25.64
CA GLN A 55 -12.50 -4.41 -25.57
C GLN A 55 -11.37 -4.80 -24.59
N PHE A 56 -11.65 -5.75 -23.73
CA PHE A 56 -10.81 -6.08 -22.61
C PHE A 56 -11.28 -7.44 -22.03
N SER A 57 -10.47 -8.05 -21.17
CA SER A 57 -10.87 -9.36 -20.59
C SER A 57 -12.19 -9.25 -19.84
N PRO A 58 -13.19 -10.08 -20.22
CA PRO A 58 -14.39 -10.07 -19.41
C PRO A 58 -14.15 -10.48 -17.97
N TRP A 59 -13.07 -11.19 -17.67
CA TRP A 59 -12.79 -11.59 -16.30
C TRP A 59 -12.49 -10.39 -15.43
N ILE A 60 -12.21 -9.21 -16.03
CA ILE A 60 -11.93 -8.04 -15.14
C ILE A 60 -13.23 -7.54 -14.55
N LEU A 61 -14.36 -8.08 -15.00
CA LEU A 61 -15.63 -7.68 -14.38
C LEU A 61 -16.00 -8.65 -13.23
N VAL A 62 -15.20 -9.65 -12.95
CA VAL A 62 -15.39 -10.50 -11.77
C VAL A 62 -14.36 -9.98 -10.73
N PRO A 63 -14.77 -9.65 -9.51
CA PRO A 63 -16.07 -9.99 -8.87
C PRO A 63 -17.04 -8.85 -8.86
N GLN A 64 -16.90 -7.85 -9.74
CA GLN A 64 -17.92 -6.79 -9.81
C GLN A 64 -19.32 -7.38 -9.96
N ILE A 65 -19.45 -8.46 -10.71
CA ILE A 65 -20.76 -8.97 -11.04
C ILE A 65 -21.31 -9.98 -10.03
N1 CR2 A 66 -20.36 -10.22 -9.09
CA1 CR2 A 66 -20.87 -10.86 -7.89
C1 CR2 A 66 -20.23 -10.51 -6.56
N2 CR2 A 66 -19.23 -11.12 -6.07
N3 CR2 A 66 -20.54 -9.32 -5.92
C2 CR2 A 66 -19.50 -9.09 -5.04
O2 CR2 A 66 -19.46 -8.11 -4.37
CA2 CR2 A 66 -18.70 -10.27 -5.18
CA3 CR2 A 66 -21.58 -8.36 -6.32
C3 CR2 A 66 -22.93 -8.45 -5.62
O3 CR2 A 66 -23.65 -7.45 -5.61
CB2 CR2 A 66 -17.58 -10.46 -4.37
CG2 CR2 A 66 -16.57 -11.48 -4.34
CD1 CR2 A 66 -16.59 -12.57 -5.18
CD2 CR2 A 66 -15.53 -11.23 -3.44
CE1 CR2 A 66 -15.53 -13.45 -5.02
CE2 CR2 A 66 -14.45 -12.09 -3.29
CZ CR2 A 66 -14.51 -13.25 -4.07
OH CR2 A 66 -13.60 -14.14 -4.01
N PHE A 67 -23.28 -9.62 -5.07
CA PHE A 67 -24.65 -9.82 -4.49
C PHE A 67 -24.57 -10.61 -3.23
N TYR A 68 -24.07 -9.95 -2.19
CA TYR A 68 -23.91 -10.58 -0.93
C TYR A 68 -25.24 -10.86 -0.25
N GLN A 69 -26.33 -10.41 -0.85
CA GLN A 69 -27.65 -10.80 -0.33
C GLN A 69 -27.85 -12.29 -0.48
N TYR A 70 -27.07 -12.99 -1.32
CA TYR A 70 -27.22 -14.47 -1.36
C TYR A 70 -26.42 -15.21 -0.29
N LEU A 71 -25.65 -14.46 0.51
CA LEU A 71 -24.74 -15.08 1.51
C LEU A 71 -25.43 -15.27 2.91
N PRO A 72 -25.70 -16.51 3.32
CA PRO A 72 -26.16 -16.73 4.68
C PRO A 72 -24.91 -16.69 5.60
N PHE A 73 -25.15 -16.49 6.89
CA PHE A 73 -24.09 -16.67 7.88
C PHE A 73 -24.26 -18.06 8.47
N PRO A 74 -23.29 -18.50 9.29
CA PRO A 74 -23.34 -19.88 9.73
C PRO A 74 -24.59 -20.25 10.54
N ASP A 75 -25.00 -21.53 10.45
CA ASP A 75 -26.19 -22.04 11.19
C ASP A 75 -27.49 -21.43 10.77
N GLY A 76 -27.66 -21.18 9.47
CA GLY A 76 -28.87 -20.50 9.01
C GLY A 76 -29.18 -19.06 9.40
N ALA A 77 -28.24 -18.36 10.03
CA ALA A 77 -28.34 -16.95 10.38
C ALA A 77 -28.31 -16.05 9.14
N MET A 78 -28.90 -14.87 9.24
CA MET A 78 -28.75 -13.96 8.09
C MET A 78 -27.40 -13.26 8.20
N SER A 79 -26.71 -13.01 7.06
CA SER A 79 -25.62 -12.08 7.07
C SER A 79 -26.16 -10.66 7.20
N PRO A 80 -25.26 -9.70 7.53
CA PRO A 80 -25.77 -8.32 7.67
C PRO A 80 -26.38 -7.84 6.35
N PHE A 81 -25.91 -8.42 5.24
CA PHE A 81 -26.29 -7.95 3.88
C PHE A 81 -27.70 -8.46 3.67
N GLN A 82 -27.97 -9.70 4.06
CA GLN A 82 -29.33 -10.19 3.95
C GLN A 82 -30.29 -9.44 4.85
N ALA A 83 -29.86 -9.13 6.06
CA ALA A 83 -30.74 -8.43 6.98
C ALA A 83 -31.16 -7.10 6.42
N ALA A 84 -30.26 -6.45 5.73
CA ALA A 84 -30.51 -5.15 5.20
C ALA A 84 -31.45 -5.21 3.99
N MET A 85 -31.46 -6.33 3.30
CA MET A 85 -32.46 -6.54 2.27
C MET A 85 -33.80 -6.82 2.95
N ASN A 86 -33.74 -7.69 3.94
CA ASN A 86 -34.90 -8.20 4.62
C ASN A 86 -35.78 -7.10 5.12
N ASP A 87 -35.21 -6.05 5.65
CA ASP A 87 -36.00 -4.97 6.16
C ASP A 87 -36.08 -3.75 5.29
N GLY A 88 -35.54 -3.85 4.09
CA GLY A 88 -35.65 -2.81 3.10
C GLY A 88 -34.64 -1.69 3.22
N SER A 89 -33.88 -1.61 4.33
CA SER A 89 -33.08 -0.39 4.64
C SER A 89 -31.86 -0.29 3.73
N GLY A 90 -31.33 -1.46 3.44
CA GLY A 90 -30.29 -1.52 2.38
C GLY A 90 -28.88 -1.06 2.75
N TYR A 91 -27.99 -1.21 1.77
CA TYR A 91 -26.61 -0.71 1.96
C TYR A 91 -26.05 -0.33 0.60
N GLN A 92 -24.93 0.39 0.56
CA GLN A 92 -24.24 0.78 -0.68
C GLN A 92 -22.82 0.16 -0.58
N VAL A 93 -22.18 0.01 -1.71
CA VAL A 93 -20.78 -0.52 -1.75
C VAL A 93 -19.88 0.38 -2.48
N HIS A 94 -18.69 0.62 -1.96
CA HIS A 94 -17.65 1.32 -2.72
C HIS A 94 -16.40 0.47 -2.63
N ARG A 95 -16.02 -0.13 -3.77
CA ARG A 95 -14.90 -1.13 -3.76
C ARG A 95 -13.76 -0.57 -4.56
N THR A 96 -12.52 -0.76 -4.07
CA THR A 96 -11.36 -0.34 -4.86
C THR A 96 -10.42 -1.54 -4.97
N MET A 97 -9.96 -1.77 -6.19
CA MET A 97 -8.96 -2.86 -6.41
C MET A 97 -7.72 -2.14 -6.93
N GLN A 98 -6.58 -2.40 -6.31
CA GLN A 98 -5.33 -1.76 -6.75
C GLN A 98 -4.39 -2.90 -7.28
N PHE A 99 -4.05 -2.86 -8.56
CA PHE A 99 -3.41 -4.03 -9.21
C PHE A 99 -1.91 -3.88 -9.18
N GLU A 100 -1.23 -5.00 -9.30
CA GLU A 100 0.25 -5.02 -9.21
C GLU A 100 0.95 -4.20 -10.28
N ASP A 101 0.31 -3.99 -11.41
CA ASP A 101 0.86 -3.24 -12.52
C ASP A 101 0.50 -1.77 -12.47
N GLY A 102 -0.17 -1.39 -11.38
CA GLY A 102 -0.51 0.04 -11.12
C GLY A 102 -1.93 0.42 -11.48
N ALA A 103 -2.65 -0.48 -12.13
CA ALA A 103 -4.03 -0.20 -12.53
C ALA A 103 -4.95 -0.10 -11.28
N THR A 104 -6.06 0.65 -11.40
CA THR A 104 -7.01 0.81 -10.33
C THR A 104 -8.38 0.54 -10.86
N LEU A 105 -9.20 -0.24 -10.14
CA LEU A 105 -10.60 -0.41 -10.61
C LEU A 105 -11.51 -0.11 -9.45
N THR A 106 -12.44 0.86 -9.64
CA THR A 106 -13.37 1.26 -8.60
C THR A 106 -14.73 0.72 -8.97
N GLY A 107 -15.44 0.17 -7.99
CA GLY A 107 -16.87 -0.20 -8.23
C GLY A 107 -17.77 0.52 -7.23
N ILE A 108 -18.90 1.00 -7.74
N ILE A 108 -18.90 0.98 -7.72
CA ILE A 108 -19.92 1.66 -6.94
CA ILE A 108 -19.89 1.66 -6.91
C ILE A 108 -21.20 0.85 -7.14
C ILE A 108 -21.19 0.88 -7.13
N TYR A 109 -21.62 0.15 -6.11
CA TYR A 109 -22.79 -0.69 -6.20
C TYR A 109 -23.98 -0.16 -5.42
N ARG A 110 -25.12 -0.07 -6.11
CA ARG A 110 -26.37 0.35 -5.51
C ARG A 110 -27.46 -0.65 -5.90
N TYR A 111 -28.40 -0.87 -5.00
CA TYR A 111 -29.44 -1.83 -5.19
C TYR A 111 -30.81 -1.24 -4.84
N THR A 112 -31.83 -1.79 -5.45
CA THR A 112 -33.20 -1.66 -4.98
C THR A 112 -33.82 -3.04 -4.89
N TYR A 113 -34.86 -3.18 -4.07
CA TYR A 113 -35.45 -4.44 -3.85
C TYR A 113 -36.95 -4.43 -4.23
N GLU A 114 -37.40 -5.51 -4.85
CA GLU A 114 -38.82 -5.73 -5.31
C GLU A 114 -39.15 -7.08 -4.80
N GLY A 115 -39.62 -7.14 -3.55
CA GLY A 115 -39.88 -8.41 -2.90
C GLY A 115 -38.61 -9.25 -2.77
N THR A 116 -38.57 -10.39 -3.46
CA THR A 116 -37.43 -11.31 -3.37
C THR A 116 -36.55 -11.10 -4.60
N HIS A 117 -36.79 -10.01 -5.30
CA HIS A 117 -35.95 -9.65 -6.46
C HIS A 117 -35.03 -8.47 -6.17
N ILE A 118 -33.76 -8.60 -6.60
CA ILE A 118 -32.79 -7.53 -6.40
C ILE A 118 -32.46 -6.87 -7.75
N LYS A 119 -32.41 -5.55 -7.80
CA LYS A 119 -32.05 -4.85 -9.01
C LYS A 119 -30.75 -4.14 -8.68
N GLY A 120 -29.67 -4.44 -9.38
CA GLY A 120 -28.41 -3.73 -9.20
C GLY A 120 -28.07 -2.76 -10.30
N GLU A 121 -27.49 -1.62 -9.90
CA GLU A 121 -26.88 -0.66 -10.82
C GLU A 121 -25.48 -0.45 -10.36
N PHE A 122 -24.52 -1.02 -11.13
CA PHE A 122 -23.11 -0.97 -10.68
C PHE A 122 -22.34 -0.16 -11.69
N GLN A 123 -21.69 0.88 -11.16
CA GLN A 123 -20.77 1.62 -11.98
C GLN A 123 -19.32 1.17 -11.69
N VAL A 124 -18.55 0.94 -12.77
CA VAL A 124 -17.21 0.38 -12.61
C VAL A 124 -16.24 1.21 -13.51
N ILE A 125 -15.23 1.80 -12.91
N ILE A 125 -15.24 1.79 -12.90
CA ILE A 125 -14.23 2.55 -13.65
CA ILE A 125 -14.25 2.53 -13.66
C ILE A 125 -12.84 1.98 -13.42
C ILE A 125 -12.84 1.98 -13.42
N GLY A 126 -12.17 1.59 -14.51
CA GLY A 126 -10.81 1.08 -14.32
C GLY A 126 -9.90 1.83 -15.25
N THR A 127 -8.72 2.07 -14.74
CA THR A 127 -7.71 2.76 -15.55
C THR A 127 -6.32 2.22 -15.24
N GLY A 128 -5.38 2.61 -16.14
CA GLY A 128 -4.00 2.32 -15.87
C GLY A 128 -3.65 0.85 -16.19
N PHE A 129 -4.51 0.15 -16.94
CA PHE A 129 -4.13 -1.24 -17.31
C PHE A 129 -3.14 -1.15 -18.49
N PRO A 130 -1.97 -1.78 -18.34
CA PRO A 130 -1.02 -1.72 -19.50
C PRO A 130 -1.60 -2.27 -20.75
N ALA A 131 -1.20 -1.67 -21.88
CA ALA A 131 -1.66 -2.15 -23.12
C ALA A 131 -1.21 -3.56 -23.39
N ASP A 132 -0.13 -3.99 -22.78
CA ASP A 132 0.40 -5.34 -22.97
C ASP A 132 0.21 -6.27 -21.76
N GLY A 133 -0.60 -5.83 -20.83
CA GLY A 133 -0.98 -6.61 -19.68
C GLY A 133 -2.16 -7.51 -19.96
N PRO A 134 -2.44 -8.41 -19.03
CA PRO A 134 -3.40 -9.48 -19.28
C PRO A 134 -4.84 -9.04 -19.40
N VAL A 135 -5.19 -7.88 -18.82
CA VAL A 135 -6.58 -7.44 -19.00
C VAL A 135 -6.75 -6.95 -20.43
N MET A 136 -5.81 -6.15 -20.94
CA MET A 136 -6.01 -5.57 -22.26
C MET A 136 -5.72 -6.53 -23.40
N THR A 137 -4.96 -7.58 -23.11
CA THR A 137 -4.70 -8.61 -24.10
C THR A 137 -5.56 -9.86 -23.97
N ASN A 138 -6.57 -9.82 -23.13
CA ASN A 138 -7.45 -10.95 -22.99
C ASN A 138 -6.69 -12.23 -22.63
N SER A 139 -5.88 -12.14 -21.59
CA SER A 139 -5.04 -13.22 -21.19
C SER A 139 -5.32 -13.75 -19.78
N LEU A 140 -6.37 -13.25 -19.15
CA LEU A 140 -6.82 -13.84 -17.90
C LEU A 140 -7.55 -15.15 -18.18
N THR A 141 -7.24 -16.17 -17.39
CA THR A 141 -7.89 -17.45 -17.65
C THR A 141 -8.91 -17.85 -16.58
N ALA A 142 -8.69 -17.43 -15.31
CA ALA A 142 -9.66 -17.79 -14.29
C ALA A 142 -9.32 -16.98 -13.04
N ALA A 143 -10.25 -16.95 -12.11
CA ALA A 143 -9.99 -16.31 -10.83
C ALA A 143 -9.77 -17.33 -9.74
N ASP A 144 -8.68 -17.16 -8.99
CA ASP A 144 -8.42 -18.08 -7.90
C ASP A 144 -9.51 -18.02 -6.80
N TRP A 145 -9.78 -19.16 -6.22
CA TRP A 145 -10.61 -19.19 -5.04
C TRP A 145 -9.98 -18.26 -3.98
N CYS A 146 -10.86 -17.75 -3.10
CA CYS A 146 -10.48 -16.57 -2.33
C CYS A 146 -11.10 -16.58 -0.95
N VAL A 147 -10.35 -16.15 0.05
CA VAL A 147 -10.99 -15.91 1.40
C VAL A 147 -10.99 -14.42 1.70
N THR A 148 -12.18 -13.91 2.00
CA THR A 148 -12.37 -12.53 2.37
C THR A 148 -12.53 -12.40 3.89
N LYS A 149 -12.03 -11.31 4.46
CA LYS A 149 -12.19 -11.01 5.87
C LYS A 149 -13.11 -9.81 6.04
N ILE A 150 -14.06 -9.96 6.94
CA ILE A 150 -15.07 -8.96 7.21
C ILE A 150 -14.83 -8.34 8.59
N VAL A 151 -14.72 -7.03 8.64
CA VAL A 151 -14.64 -6.32 9.90
C VAL A 151 -15.64 -5.15 9.91
N TYR A 152 -15.84 -4.59 11.09
CA TYR A 152 -16.88 -3.61 11.32
C TYR A 152 -16.28 -2.38 11.97
N PRO A 153 -15.96 -1.33 11.25
CA PRO A 153 -15.35 -0.15 11.88
C PRO A 153 -16.34 0.53 12.90
N ASN A 154 -17.63 0.41 12.62
CA ASN A 154 -18.70 0.92 13.44
C ASN A 154 -20.01 0.14 13.12
N GLU A 155 -21.10 0.43 13.84
CA GLU A 155 -22.38 -0.27 13.62
C GLU A 155 -23.08 -0.01 12.28
N ASN A 156 -22.58 0.87 11.45
N ASN A 156 -22.55 0.94 11.50
CA ASN A 156 -23.25 0.95 10.15
CA ASN A 156 -23.16 1.28 10.20
C ASN A 156 -22.30 0.84 8.99
C ASN A 156 -22.28 0.91 9.00
N THR A 157 -21.12 0.27 9.25
CA THR A 157 -20.18 0.10 8.15
C THR A 157 -19.52 -1.26 8.27
N ILE A 158 -19.16 -1.80 7.11
CA ILE A 158 -18.29 -3.01 7.02
C ILE A 158 -17.19 -2.69 6.10
N ILE A 159 -16.02 -3.25 6.35
CA ILE A 159 -14.96 -3.29 5.40
C ILE A 159 -14.67 -4.72 5.13
N ASP A 160 -14.58 -5.06 3.87
CA ASP A 160 -14.08 -6.38 3.52
C ASP A 160 -12.81 -6.25 2.73
N LYS A 161 -12.00 -7.26 2.87
CA LYS A 161 -10.66 -7.21 2.33
C LYS A 161 -10.28 -8.56 1.81
N PHE A 162 -9.66 -8.52 0.65
CA PHE A 162 -9.17 -9.74 0.04
C PHE A 162 -8.01 -9.51 -0.92
N ASP A 163 -7.17 -10.54 -1.07
CA ASP A 163 -6.06 -10.51 -2.04
C ASP A 163 -6.59 -11.34 -3.27
N TRP A 164 -6.78 -10.64 -4.37
CA TRP A 164 -7.48 -11.19 -5.54
C TRP A 164 -6.43 -11.60 -6.55
N THR A 165 -6.50 -12.83 -7.04
CA THR A 165 -5.51 -13.19 -8.06
C THR A 165 -6.17 -13.98 -9.19
N TYR A 166 -5.79 -13.64 -10.41
CA TYR A 166 -6.17 -14.43 -11.56
C TYR A 166 -4.99 -15.28 -12.02
N THR A 167 -5.31 -16.40 -12.66
CA THR A 167 -4.34 -17.09 -13.46
C THR A 167 -4.38 -16.49 -14.87
N THR A 168 -3.26 -16.53 -15.52
CA THR A 168 -3.21 -16.04 -16.87
C THR A 168 -2.64 -17.04 -17.85
N THR A 169 -2.73 -16.75 -19.13
CA THR A 169 -2.22 -17.70 -20.11
C THR A 169 -0.69 -17.90 -20.03
N SER A 170 0.03 -16.96 -19.47
CA SER A 170 1.48 -17.01 -19.39
C SER A 170 1.95 -17.81 -18.21
N GLY A 171 1.02 -18.17 -17.35
CA GLY A 171 1.39 -18.82 -16.13
C GLY A 171 1.59 -17.88 -14.96
N LYS A 172 1.86 -16.62 -15.20
CA LYS A 172 2.08 -15.70 -14.10
C LYS A 172 0.72 -15.23 -13.52
N ARG A 173 0.51 -15.32 -12.21
CA ARG A 173 -0.72 -14.80 -11.64
C ARG A 173 -0.75 -13.28 -11.73
N TYR A 174 -1.94 -12.74 -11.76
CA TYR A 174 -2.13 -11.29 -11.86
C TYR A 174 -2.89 -10.85 -10.59
N GLN A 175 -2.24 -9.97 -9.82
CA GLN A 175 -2.70 -9.76 -8.45
C GLN A 175 -3.23 -8.36 -8.19
N SER A 176 -4.17 -8.26 -7.23
CA SER A 176 -4.60 -6.93 -6.72
C SER A 176 -5.01 -7.04 -5.24
N ASN A 177 -4.86 -5.89 -4.54
CA ASN A 177 -5.36 -5.76 -3.20
C ASN A 177 -6.73 -5.11 -3.37
N VAL A 178 -7.70 -5.70 -2.69
CA VAL A 178 -9.08 -5.18 -2.76
C VAL A 178 -9.62 -4.84 -1.38
N ARG A 179 -10.28 -3.69 -1.28
CA ARG A 179 -11.00 -3.32 -0.07
CA ARG A 179 -11.00 -3.34 -0.09
C ARG A 179 -12.44 -2.88 -0.44
N SER A 180 -13.48 -3.35 0.24
CA SER A 180 -14.89 -2.95 -0.10
C SER A 180 -15.43 -2.24 1.18
N ASN A 181 -15.90 -1.02 1.03
CA ASN A 181 -16.52 -0.23 2.10
C ASN A 181 -18.04 -0.30 1.90
N PHE A 182 -18.74 -0.84 2.89
CA PHE A 182 -20.23 -1.01 2.84
C PHE A 182 -20.81 -0.01 3.79
N THR A 183 -21.84 0.73 3.34
CA THR A 183 -22.46 1.76 4.21
C THR A 183 -23.89 1.35 4.35
N PHE A 184 -24.34 1.09 5.59
CA PHE A 184 -25.68 0.62 5.84
C PHE A 184 -26.58 1.76 6.35
N ALA A 185 -27.82 1.79 5.85
CA ALA A 185 -28.70 2.91 6.20
C ALA A 185 -29.14 2.79 7.67
N LYS A 186 -29.26 1.57 8.15
N LYS A 186 -29.21 1.56 8.14
CA LYS A 186 -29.58 1.41 9.56
CA LYS A 186 -29.61 1.30 9.52
C LYS A 186 -28.52 0.53 10.22
C LYS A 186 -28.53 0.48 10.23
N PRO A 187 -28.38 0.67 11.54
CA PRO A 187 -27.34 -0.08 12.25
C PRO A 187 -27.48 -1.58 12.09
N ILE A 188 -26.33 -2.25 12.03
CA ILE A 188 -26.28 -3.66 11.91
C ILE A 188 -26.52 -4.21 13.32
N ALA A 189 -27.18 -5.35 13.40
CA ALA A 189 -27.63 -5.89 14.70
C ALA A 189 -26.39 -6.22 15.54
N ALA A 190 -26.51 -6.03 16.83
CA ALA A 190 -25.44 -6.31 17.73
C ALA A 190 -24.96 -7.74 17.66
N ASN A 191 -25.87 -8.66 17.49
CA ASN A 191 -25.47 -10.04 17.45
C ASN A 191 -24.64 -10.41 16.22
N ILE A 192 -24.71 -9.58 15.19
CA ILE A 192 -23.83 -9.74 14.05
C ILE A 192 -22.45 -9.12 14.30
N LEU A 193 -22.47 -7.93 14.87
CA LEU A 193 -21.26 -7.11 15.10
C LEU A 193 -20.24 -7.86 15.91
N GLN A 194 -20.70 -8.77 16.75
CA GLN A 194 -19.81 -9.39 17.72
C GLN A 194 -19.16 -10.66 17.17
N LYS A 195 -19.61 -11.13 16.00
CA LYS A 195 -19.01 -12.32 15.41
C LYS A 195 -17.80 -11.83 14.59
N GLN A 196 -16.66 -11.71 15.26
N GLN A 196 -16.67 -11.73 15.28
CA GLN A 196 -15.40 -11.26 14.71
CA GLN A 196 -15.37 -11.25 14.76
C GLN A 196 -14.26 -12.10 15.21
C GLN A 196 -14.32 -12.23 15.19
N PRO A 197 -13.33 -12.39 14.31
CA PRO A 197 -13.45 -12.01 12.90
C PRO A 197 -14.41 -12.96 12.09
N MET A 198 -14.84 -12.57 10.91
CA MET A 198 -15.69 -13.47 10.06
C MET A 198 -15.03 -13.56 8.70
N PHE A 199 -15.03 -14.78 8.11
CA PHE A 199 -14.36 -14.95 6.81
C PHE A 199 -15.35 -15.49 5.85
N VAL A 200 -15.11 -15.31 4.55
CA VAL A 200 -16.04 -15.89 3.56
C VAL A 200 -15.11 -16.52 2.52
N PHE A 201 -15.41 -17.79 2.21
CA PHE A 201 -14.73 -18.51 1.15
C PHE A 201 -15.55 -18.39 -0.11
N ARG A 202 -14.96 -17.94 -1.21
CA ARG A 202 -15.74 -17.82 -2.46
C ARG A 202 -15.07 -18.44 -3.65
N LYS A 203 -15.90 -18.95 -4.57
CA LYS A 203 -15.44 -19.58 -5.76
C LYS A 203 -16.30 -18.94 -6.91
N THR A 204 -15.65 -18.68 -8.03
CA THR A 204 -16.40 -18.10 -9.17
C THR A 204 -16.12 -18.86 -10.45
N GLU A 205 -17.11 -18.79 -11.38
CA GLU A 205 -16.91 -19.32 -12.73
C GLU A 205 -17.42 -18.30 -13.71
N LEU A 206 -16.75 -18.21 -14.85
CA LEU A 206 -17.23 -17.34 -15.91
C LEU A 206 -17.01 -18.04 -17.26
N LYS A 207 -18.09 -18.23 -17.97
N LYS A 207 -18.11 -18.24 -17.98
CA LYS A 207 -17.99 -18.64 -19.33
CA LYS A 207 -18.02 -18.65 -19.38
C LYS A 207 -18.44 -17.46 -20.19
C LYS A 207 -18.42 -17.42 -20.16
N HIS A 208 -17.70 -17.13 -21.23
CA HIS A 208 -18.05 -15.94 -21.94
C HIS A 208 -17.66 -15.91 -23.41
N SER A 209 -18.31 -15.03 -24.15
CA SER A 209 -17.86 -14.63 -25.46
C SER A 209 -17.38 -13.16 -25.34
N LYS A 210 -17.32 -12.44 -26.44
CA LYS A 210 -16.98 -11.05 -26.30
C LYS A 210 -18.18 -10.25 -25.90
N THR A 211 -19.36 -10.84 -25.97
CA THR A 211 -20.57 -10.05 -25.66
C THR A 211 -21.47 -10.67 -24.62
N GLU A 212 -21.29 -11.94 -24.33
CA GLU A 212 -22.14 -12.59 -23.39
C GLU A 212 -21.36 -13.23 -22.26
N LEU A 213 -21.80 -13.00 -21.02
CA LEU A 213 -21.09 -13.51 -19.84
C LEU A 213 -22.09 -14.38 -19.02
N ASN A 214 -21.63 -15.57 -18.66
CA ASN A 214 -22.43 -16.45 -17.87
C ASN A 214 -21.64 -16.75 -16.62
N PHE A 215 -22.13 -16.23 -15.49
CA PHE A 215 -21.32 -16.19 -14.29
C PHE A 215 -21.98 -17.06 -13.21
N LYS A 216 -21.18 -17.63 -12.33
CA LYS A 216 -21.66 -18.33 -11.15
C LYS A 216 -20.76 -18.03 -9.98
N GLU A 217 -21.36 -18.03 -8.79
CA GLU A 217 -20.51 -17.83 -7.58
C GLU A 217 -21.07 -18.60 -6.45
N TRP A 218 -20.18 -19.22 -5.70
CA TRP A 218 -20.55 -19.86 -4.45
C TRP A 218 -19.83 -19.13 -3.30
N GLN A 219 -20.54 -18.87 -2.21
CA GLN A 219 -19.87 -18.24 -1.06
C GLN A 219 -20.29 -18.89 0.21
N THR A 220 -19.35 -19.06 1.14
CA THR A 220 -19.61 -19.76 2.40
C THR A 220 -18.88 -19.00 3.51
N ALA A 221 -19.69 -18.45 4.43
CA ALA A 221 -19.14 -17.71 5.62
C ALA A 221 -18.63 -18.72 6.63
N PHE A 222 -17.51 -18.41 7.27
CA PHE A 222 -17.02 -19.27 8.34
C PHE A 222 -16.20 -18.47 9.39
N SER A 223 -16.37 -18.86 10.64
CA SER A 223 -15.65 -18.27 11.77
CA SER A 223 -15.60 -18.23 11.70
C SER A 223 -14.46 -19.13 12.20
N ASP A 224 -14.46 -20.38 11.79
CA ASP A 224 -13.44 -21.35 12.15
C ASP A 224 -13.41 -22.45 11.14
N VAL A 225 -12.34 -23.21 11.05
CA VAL A 225 -12.29 -24.42 10.26
C VAL A 225 -11.90 -25.63 11.11
N MET A 226 -11.38 -25.39 12.32
CA MET A 226 -10.83 -26.43 13.24
C MET A 226 -11.92 -27.12 14.04
N SER B 9 -3.54 28.39 -31.68
CA SER B 9 -3.02 28.22 -30.33
C SER B 9 -3.99 28.65 -29.22
N LEU B 10 -4.34 27.73 -28.32
CA LEU B 10 -5.50 27.93 -27.50
C LEU B 10 -5.54 27.35 -26.07
N LEU B 11 -5.47 28.24 -25.09
CA LEU B 11 -5.44 27.89 -23.69
C LEU B 11 -6.71 28.35 -22.99
N PRO B 12 -7.03 27.77 -21.85
CA PRO B 12 -8.28 28.10 -21.20
C PRO B 12 -8.19 29.49 -20.58
N ALA B 13 -9.34 30.14 -20.52
CA ALA B 13 -9.49 31.43 -19.84
C ALA B 13 -10.48 31.31 -18.71
N THR B 14 -11.51 30.44 -18.89
CA THR B 14 -12.52 30.31 -17.90
C THR B 14 -12.88 28.82 -17.78
N HIS B 15 -13.53 28.51 -16.68
CA HIS B 15 -14.02 27.14 -16.46
C HIS B 15 -15.27 27.12 -15.62
N GLU B 16 -16.04 26.03 -15.72
CA GLU B 16 -17.12 25.88 -14.80
C GLU B 16 -17.03 24.45 -14.35
N LEU B 17 -17.53 24.23 -13.14
CA LEU B 17 -17.54 22.87 -12.53
C LEU B 17 -18.90 22.47 -11.98
N HIS B 18 -19.32 21.23 -12.27
CA HIS B 18 -20.39 20.60 -11.53
C HIS B 18 -19.69 19.41 -10.85
N ILE B 19 -19.69 19.42 -9.53
CA ILE B 19 -19.01 18.39 -8.75
C ILE B 19 -20.10 17.75 -7.87
N PHE B 20 -20.17 16.43 -7.82
CA PHE B 20 -21.31 15.78 -7.19
C PHE B 20 -20.91 14.40 -6.74
N GLY B 21 -21.73 13.81 -5.87
CA GLY B 21 -21.34 12.48 -5.37
C GLY B 21 -21.76 12.36 -3.94
N SER B 22 -21.00 11.58 -3.18
CA SER B 22 -21.38 11.45 -1.77
C SER B 22 -20.17 11.17 -0.91
N ILE B 23 -20.28 11.56 0.36
CA ILE B 23 -19.25 11.24 1.34
C ILE B 23 -19.96 10.42 2.39
N ASN B 24 -19.47 9.20 2.65
CA ASN B 24 -20.17 8.31 3.66
C ASN B 24 -21.65 8.22 3.37
N SER B 25 -21.96 8.18 2.07
CA SER B 25 -23.36 8.04 1.50
C SER B 25 -24.19 9.35 1.53
N LEU B 26 -23.64 10.38 2.17
CA LEU B 26 -24.31 11.69 2.24
C LEU B 26 -24.10 12.42 0.91
N GLU B 27 -25.18 12.73 0.23
N GLU B 27 -25.19 12.67 0.18
CA GLU B 27 -25.12 13.26 -1.13
CA GLU B 27 -25.14 13.23 -1.19
C GLU B 27 -24.80 14.76 -1.12
C GLU B 27 -24.81 14.73 -1.14
N PHE B 28 -23.99 15.18 -2.08
CA PHE B 28 -23.67 16.57 -2.28
C PHE B 28 -23.64 16.91 -3.77
N ASP B 29 -23.79 18.21 -4.08
CA ASP B 29 -23.81 18.72 -5.45
C ASP B 29 -23.47 20.17 -5.39
N LEU B 30 -22.41 20.58 -6.08
CA LEU B 30 -22.06 22.00 -6.14
C LEU B 30 -21.79 22.40 -7.57
N VAL B 31 -22.09 23.68 -7.89
CA VAL B 31 -21.82 24.18 -9.24
C VAL B 31 -21.16 25.55 -9.11
N GLY B 32 -20.42 25.92 -10.11
CA GLY B 32 -19.85 27.31 -10.11
C GLY B 32 -18.82 27.51 -11.19
N ARG B 33 -18.24 28.69 -11.19
CA ARG B 33 -17.45 29.20 -12.31
C ARG B 33 -16.12 29.75 -11.81
N GLY B 34 -15.12 29.82 -12.70
CA GLY B 34 -13.79 30.24 -12.30
C GLY B 34 -13.01 30.73 -13.43
N THR B 35 -11.81 31.21 -13.21
CA THR B 35 -10.92 31.66 -14.30
C THR B 35 -9.56 31.18 -13.92
N GLY B 36 -8.58 31.46 -14.77
CA GLY B 36 -7.21 31.19 -14.40
C GLY B 36 -6.31 31.71 -15.44
N ASN B 37 -5.03 31.53 -15.18
CA ASN B 37 -3.98 32.01 -16.09
C ASN B 37 -3.13 30.82 -16.49
N PRO B 38 -3.33 30.31 -17.70
CA PRO B 38 -2.69 29.10 -18.18
C PRO B 38 -1.26 29.29 -18.54
N LYS B 39 -0.76 30.56 -18.57
N LYS B 39 -0.77 30.55 -18.56
CA LYS B 39 0.68 30.77 -18.76
CA LYS B 39 0.67 30.75 -18.78
C LYS B 39 1.46 30.70 -17.46
C LYS B 39 1.46 30.69 -17.46
N GLU B 40 0.74 30.65 -16.36
CA GLU B 40 1.31 30.74 -15.04
C GLU B 40 0.85 29.69 -14.04
N GLY B 41 -0.03 28.81 -14.43
CA GLY B 41 -0.46 27.79 -13.43
C GLY B 41 -1.32 28.35 -12.32
N TYR B 42 -2.14 29.35 -12.57
CA TYR B 42 -3.06 29.84 -11.55
C TYR B 42 -4.48 29.61 -11.91
N GLU B 43 -5.32 29.20 -10.96
CA GLU B 43 -6.76 29.18 -11.22
C GLU B 43 -7.53 29.54 -9.93
N GLU B 44 -8.73 30.07 -10.05
CA GLU B 44 -9.59 30.34 -8.92
C GLU B 44 -10.99 29.86 -9.32
N LEU B 45 -11.79 29.49 -8.33
CA LEU B 45 -13.13 28.88 -8.57
C LEU B 45 -14.05 29.23 -7.42
N HIS B 46 -15.31 29.58 -7.74
CA HIS B 46 -16.31 29.71 -6.73
C HIS B 46 -17.34 28.61 -6.91
N LEU B 47 -17.75 27.96 -5.84
CA LEU B 47 -18.79 26.93 -5.89
C LEU B 47 -19.89 27.20 -4.85
N LYS B 48 -21.12 26.82 -5.18
CA LYS B 48 -22.24 26.90 -4.23
C LYS B 48 -22.99 25.55 -4.32
N SER B 49 -23.36 25.05 -3.16
CA SER B 49 -24.22 23.89 -3.04
C SER B 49 -25.59 24.10 -3.69
N THR B 50 -26.04 23.10 -4.42
CA THR B 50 -27.36 23.11 -5.00
C THR B 50 -28.40 22.35 -4.20
N LYS B 51 -27.95 21.77 -3.10
CA LYS B 51 -28.73 21.02 -2.18
C LYS B 51 -28.61 21.78 -0.86
N SER B 52 -28.22 21.13 0.21
CA SER B 52 -28.10 21.92 1.41
C SER B 52 -26.69 22.16 1.84
N ALA B 53 -26.50 22.54 3.09
CA ALA B 53 -25.19 22.67 3.71
C ALA B 53 -24.44 21.35 3.54
N LEU B 54 -23.15 21.47 3.28
CA LEU B 54 -22.27 20.35 3.23
C LEU B 54 -22.21 19.69 4.62
N GLN B 55 -22.23 18.37 4.62
CA GLN B 55 -22.32 17.58 5.81
C GLN B 55 -20.91 17.06 6.23
N PHE B 56 -19.83 17.74 5.85
CA PHE B 56 -18.47 17.30 6.11
C PHE B 56 -17.56 18.45 5.77
N SER B 57 -16.24 18.32 6.02
CA SER B 57 -15.31 19.41 5.77
C SER B 57 -15.25 19.74 4.27
N PRO B 58 -15.43 21.01 3.92
CA PRO B 58 -15.29 21.34 2.51
C PRO B 58 -13.88 21.11 2.00
N TRP B 59 -12.89 21.08 2.90
CA TRP B 59 -11.52 20.83 2.45
C TRP B 59 -11.36 19.45 1.85
N ILE B 60 -12.31 18.57 2.11
CA ILE B 60 -12.11 17.19 1.50
C ILE B 60 -12.45 17.21 0.03
N LEU B 61 -12.93 18.36 -0.49
CA LEU B 61 -13.12 18.51 -1.93
C LEU B 61 -11.91 19.15 -2.56
N VAL B 62 -10.87 19.45 -1.78
CA VAL B 62 -9.61 19.89 -2.35
C VAL B 62 -8.66 18.61 -2.24
N PRO B 63 -8.04 18.19 -3.32
CA PRO B 63 -7.91 18.85 -4.60
C PRO B 63 -8.86 18.38 -5.72
N GLN B 64 -10.03 17.84 -5.38
CA GLN B 64 -10.95 17.48 -6.46
C GLN B 64 -11.26 18.71 -7.37
N ILE B 65 -11.40 19.89 -6.76
CA ILE B 65 -12.01 21.12 -7.46
C ILE B 65 -10.99 21.92 -8.27
N1 CR2 B 66 -9.79 21.49 -8.07
CA1 CR2 B 66 -8.51 21.69 -8.75
C1 CR2 B 66 -7.41 20.70 -9.06
N2 CR2 B 66 -6.34 20.56 -8.36
N3 CR2 B 66 -7.58 19.72 -10.00
C2 CR2 B 66 -6.71 18.74 -9.76
O2 CR2 B 66 -6.72 17.75 -10.40
CA2 CR2 B 66 -5.82 19.31 -8.75
CA3 CR2 B 66 -8.84 19.62 -10.77
C3 CR2 B 66 -8.76 20.10 -12.23
O3 CR2 B 66 -9.55 19.60 -13.01
CB2 CR2 B 66 -4.76 18.71 -8.24
CG2 CR2 B 66 -3.80 19.02 -7.21
CD1 CR2 B 66 -3.96 20.19 -6.45
CD2 CR2 B 66 -2.87 18.03 -6.91
CE1 CR2 B 66 -2.95 20.37 -5.43
CE2 CR2 B 66 -1.90 18.21 -5.92
CZ CR2 B 66 -1.97 19.40 -5.17
OH CR2 B 66 -1.09 19.60 -4.22
N PHE B 67 -7.88 21.08 -12.54
CA PHE B 67 -7.87 21.65 -13.91
C PHE B 67 -6.49 21.83 -14.38
N TYR B 68 -5.83 20.76 -14.82
CA TYR B 68 -4.40 20.92 -15.21
C TYR B 68 -4.23 21.59 -16.56
N GLN B 69 -5.35 21.91 -17.25
CA GLN B 69 -5.31 22.70 -18.43
C GLN B 69 -4.73 24.07 -18.10
N TYR B 70 -4.78 24.54 -16.84
CA TYR B 70 -4.10 25.81 -16.51
C TYR B 70 -2.61 25.67 -16.25
N LEU B 71 -2.07 24.41 -16.27
CA LEU B 71 -0.67 24.20 -15.94
C LEU B 71 0.19 24.21 -17.20
N PRO B 72 1.08 25.23 -17.33
CA PRO B 72 2.06 25.11 -18.38
C PRO B 72 3.27 24.23 -17.95
N PHE B 73 4.05 23.80 -18.93
CA PHE B 73 5.31 23.12 -18.57
C PHE B 73 6.52 24.02 -18.71
N PRO B 74 7.68 23.59 -18.22
CA PRO B 74 8.66 24.69 -18.08
C PRO B 74 8.95 25.47 -19.43
N ASP B 75 9.39 26.73 -19.32
CA ASP B 75 9.88 27.49 -20.51
C ASP B 75 8.74 27.89 -21.50
N GLY B 76 7.53 28.13 -20.99
CA GLY B 76 6.41 28.45 -21.89
C GLY B 76 5.90 27.25 -22.71
N ALA B 77 6.29 26.01 -22.34
CA ALA B 77 5.73 24.78 -23.04
C ALA B 77 4.27 24.50 -22.69
N MET B 78 3.53 24.00 -23.65
CA MET B 78 2.25 23.41 -23.26
C MET B 78 2.53 22.11 -22.42
N SER B 79 1.83 21.96 -21.30
CA SER B 79 1.76 20.71 -20.76
C SER B 79 1.05 19.78 -21.77
N PRO B 80 1.19 18.45 -21.58
CA PRO B 80 0.35 17.55 -22.37
C PRO B 80 -1.17 17.78 -22.04
N PHE B 81 -1.50 18.27 -20.85
CA PHE B 81 -2.94 18.54 -20.49
C PHE B 81 -3.40 19.69 -21.36
N GLN B 82 -2.56 20.69 -21.54
CA GLN B 82 -2.94 21.79 -22.42
C GLN B 82 -3.02 21.38 -23.88
N ALA B 83 -2.07 20.56 -24.33
CA ALA B 83 -2.07 20.17 -25.71
C ALA B 83 -3.36 19.42 -26.04
N ALA B 84 -3.82 18.58 -25.11
CA ALA B 84 -5.04 17.82 -25.33
C ALA B 84 -6.29 18.69 -25.39
N MET B 85 -6.30 19.82 -24.72
CA MET B 85 -7.42 20.76 -24.80
C MET B 85 -7.30 21.54 -26.12
N ASN B 86 -6.05 21.93 -26.43
CA ASN B 86 -5.73 22.73 -27.63
C ASN B 86 -6.25 22.05 -28.85
N ASP B 87 -6.06 20.73 -28.96
CA ASP B 87 -6.52 19.99 -30.13
C ASP B 87 -7.85 19.29 -30.00
N GLY B 88 -8.52 19.49 -28.87
CA GLY B 88 -9.84 18.97 -28.60
C GLY B 88 -9.95 17.47 -28.29
N SER B 89 -8.86 16.73 -28.42
CA SER B 89 -8.85 15.31 -28.14
C SER B 89 -9.14 14.97 -26.67
N GLY B 90 -8.56 15.74 -25.78
CA GLY B 90 -8.91 15.63 -24.39
C GLY B 90 -8.31 14.45 -23.62
N TYR B 91 -8.66 14.41 -22.34
CA TYR B 91 -8.23 13.35 -21.41
C TYR B 91 -9.26 13.20 -20.29
N GLN B 92 -9.23 12.04 -19.65
CA GLN B 92 -10.16 11.77 -18.53
C GLN B 92 -9.23 11.55 -17.33
N VAL B 93 -9.78 11.65 -16.12
CA VAL B 93 -9.00 11.42 -14.88
C VAL B 93 -9.73 10.50 -13.95
N HIS B 94 -8.98 9.56 -13.38
CA HIS B 94 -9.54 8.69 -12.33
C HIS B 94 -8.55 8.75 -11.17
N ARG B 95 -8.97 9.37 -10.06
CA ARG B 95 -8.09 9.65 -8.95
C ARG B 95 -8.56 8.81 -7.75
N THR B 96 -7.60 8.24 -7.01
CA THR B 96 -7.92 7.53 -5.77
C THR B 96 -7.04 8.02 -4.63
N MET B 97 -7.72 8.40 -3.55
CA MET B 97 -7.00 8.81 -2.33
C MET B 97 -7.27 7.80 -1.28
N GLN B 98 -6.20 7.34 -0.58
CA GLN B 98 -6.38 6.32 0.52
C GLN B 98 -5.86 6.99 1.78
N PHE B 99 -6.75 7.25 2.73
CA PHE B 99 -6.43 8.03 3.91
C PHE B 99 -5.85 7.17 5.07
N GLU B 100 -5.15 7.79 6.00
CA GLU B 100 -4.47 7.01 7.08
C GLU B 100 -5.42 6.31 8.01
N ASP B 101 -6.65 6.73 7.97
CA ASP B 101 -7.68 6.15 8.80
C ASP B 101 -8.57 5.14 8.10
N GLY B 102 -8.17 4.78 6.90
CA GLY B 102 -8.87 3.82 6.11
C GLY B 102 -9.89 4.29 5.08
N ALA B 103 -10.24 5.56 5.12
CA ALA B 103 -11.18 6.09 4.17
C ALA B 103 -10.60 6.05 2.76
N THR B 104 -11.46 6.05 1.77
CA THR B 104 -11.10 6.10 0.40
C THR B 104 -11.91 7.18 -0.31
N LEU B 105 -11.29 7.97 -1.18
CA LEU B 105 -12.08 8.94 -1.95
C LEU B 105 -11.69 8.81 -3.40
N THR B 106 -12.67 8.51 -4.23
CA THR B 106 -12.42 8.33 -5.70
C THR B 106 -12.96 9.54 -6.43
N GLY B 107 -12.16 10.10 -7.34
CA GLY B 107 -12.69 11.14 -8.20
C GLY B 107 -12.65 10.71 -9.67
N ILE B 108 -13.70 10.98 -10.43
CA ILE B 108 -13.77 10.69 -11.85
C ILE B 108 -14.05 12.05 -12.56
N TYR B 109 -13.14 12.52 -13.39
CA TYR B 109 -13.25 13.91 -13.93
C TYR B 109 -13.37 13.82 -15.43
N ARG B 110 -14.42 14.43 -15.95
CA ARG B 110 -14.61 14.49 -17.39
C ARG B 110 -14.79 15.95 -17.81
N TYR B 111 -14.31 16.28 -19.00
CA TYR B 111 -14.35 17.70 -19.43
C TYR B 111 -14.92 17.78 -20.82
N THR B 112 -15.57 18.91 -21.10
CA THR B 112 -15.82 19.29 -22.46
C THR B 112 -15.28 20.75 -22.63
N TYR B 113 -15.02 21.10 -23.87
CA TYR B 113 -14.39 22.40 -24.12
C TYR B 113 -15.23 23.14 -25.14
N GLU B 114 -15.28 24.45 -24.98
CA GLU B 114 -15.97 25.28 -26.01
C GLU B 114 -15.04 26.47 -26.09
N GLY B 115 -14.22 26.53 -27.13
CA GLY B 115 -13.29 27.65 -27.26
C GLY B 115 -12.34 27.63 -26.06
N THR B 116 -12.19 28.77 -25.43
CA THR B 116 -11.28 28.89 -24.24
C THR B 116 -12.02 28.56 -22.92
N HIS B 117 -13.25 28.02 -22.98
CA HIS B 117 -13.98 27.69 -21.76
C HIS B 117 -13.97 26.18 -21.50
N ILE B 118 -13.66 25.77 -20.27
CA ILE B 118 -13.73 24.31 -19.89
C ILE B 118 -15.00 24.07 -19.12
N LYS B 119 -15.72 22.96 -19.39
CA LYS B 119 -16.83 22.51 -18.57
C LYS B 119 -16.39 21.17 -17.89
N GLY B 120 -16.27 21.16 -16.58
CA GLY B 120 -15.94 19.88 -15.89
C GLY B 120 -17.18 19.28 -15.22
N GLU B 121 -17.26 17.96 -15.26
CA GLU B 121 -18.27 17.16 -14.57
C GLU B 121 -17.47 16.17 -13.72
N PHE B 122 -17.48 16.34 -12.41
CA PHE B 122 -16.57 15.53 -11.56
C PHE B 122 -17.44 14.81 -10.60
N GLN B 123 -17.34 13.46 -10.61
CA GLN B 123 -18.04 12.58 -9.69
C GLN B 123 -17.07 12.19 -8.59
N VAL B 124 -17.52 12.32 -7.32
CA VAL B 124 -16.64 12.07 -6.18
C VAL B 124 -17.41 11.12 -5.28
N ILE B 125 -16.77 10.00 -4.93
CA ILE B 125 -17.33 9.08 -3.95
C ILE B 125 -16.33 8.81 -2.85
N GLY B 126 -16.73 9.11 -1.60
CA GLY B 126 -15.85 8.95 -0.47
C GLY B 126 -16.58 8.06 0.54
N THR B 127 -15.87 7.17 1.13
CA THR B 127 -16.44 6.24 2.17
C THR B 127 -15.45 5.94 3.23
N GLY B 128 -15.94 5.47 4.39
CA GLY B 128 -15.01 5.05 5.37
C GLY B 128 -14.46 6.16 6.29
N PHE B 129 -14.95 7.37 6.18
CA PHE B 129 -14.41 8.45 7.05
C PHE B 129 -15.02 8.25 8.46
N PRO B 130 -14.17 8.09 9.47
CA PRO B 130 -14.76 7.95 10.84
C PRO B 130 -15.69 9.03 11.26
N ALA B 131 -16.74 8.70 12.02
CA ALA B 131 -17.68 9.74 12.46
C ALA B 131 -17.05 10.85 13.28
N ASP B 132 -15.96 10.52 13.96
CA ASP B 132 -15.27 11.39 14.88
C ASP B 132 -13.95 11.91 14.29
N GLY B 133 -13.73 11.61 12.99
CA GLY B 133 -12.48 12.03 12.35
C GLY B 133 -12.58 13.46 11.86
N PRO B 134 -11.47 14.02 11.38
CA PRO B 134 -11.51 15.47 11.04
C PRO B 134 -12.33 15.80 9.81
N VAL B 135 -12.63 14.82 8.94
CA VAL B 135 -13.44 15.17 7.81
C VAL B 135 -14.89 15.35 8.24
N MET B 136 -15.39 14.40 8.98
CA MET B 136 -16.77 14.50 9.36
C MET B 136 -17.04 15.52 10.49
N THR B 137 -16.04 15.81 11.31
CA THR B 137 -16.14 16.87 12.30
C THR B 137 -15.68 18.24 11.82
N ASN B 138 -15.54 18.49 10.53
N ASN B 138 -15.44 18.45 10.56
CA ASN B 138 -15.06 19.80 9.98
CA ASN B 138 -15.03 19.74 10.06
C ASN B 138 -13.84 20.36 10.75
C ASN B 138 -13.86 20.33 10.83
N SER B 139 -12.84 19.54 11.01
CA SER B 139 -11.63 19.87 11.72
C SER B 139 -10.40 20.06 10.82
N LEU B 140 -10.58 20.03 9.49
CA LEU B 140 -9.45 20.35 8.62
C LEU B 140 -9.28 21.86 8.55
N THR B 141 -8.05 22.31 8.62
CA THR B 141 -7.81 23.79 8.62
C THR B 141 -7.10 24.29 7.39
N ALA B 142 -6.28 23.42 6.76
CA ALA B 142 -5.48 23.86 5.56
C ALA B 142 -4.91 22.60 4.91
N ALA B 143 -4.46 22.74 3.66
CA ALA B 143 -3.67 21.64 2.98
C ALA B 143 -2.21 22.10 2.86
N ASP B 144 -1.26 21.22 3.25
CA ASP B 144 0.11 21.50 3.10
C ASP B 144 0.44 21.68 1.59
N TRP B 145 1.36 22.58 1.35
CA TRP B 145 2.02 22.65 0.00
C TRP B 145 2.51 21.28 -0.38
N CYS B 146 2.48 21.00 -1.71
CA CYS B 146 2.61 19.58 -2.13
C CYS B 146 3.41 19.42 -3.41
N VAL B 147 4.20 18.35 -3.51
CA VAL B 147 4.91 18.05 -4.72
C VAL B 147 4.28 16.77 -5.27
N THR B 148 3.85 16.85 -6.51
CA THR B 148 3.34 15.68 -7.25
C THR B 148 4.41 15.14 -8.22
N LYS B 149 4.52 13.80 -8.40
CA LYS B 149 5.44 13.20 -9.44
C LYS B 149 4.61 12.72 -10.59
N ILE B 150 4.99 13.03 -11.81
N ILE B 150 4.99 13.07 -11.82
CA ILE B 150 4.33 12.62 -13.02
CA ILE B 150 4.31 12.63 -13.02
C ILE B 150 5.22 11.66 -13.75
C ILE B 150 5.22 11.68 -13.79
N VAL B 151 4.66 10.55 -14.17
CA VAL B 151 5.37 9.65 -15.10
C VAL B 151 4.41 9.23 -16.19
N TYR B 152 4.98 8.71 -17.26
CA TYR B 152 4.16 8.37 -18.50
C TYR B 152 4.44 6.89 -18.83
N PRO B 153 3.55 5.99 -18.39
CA PRO B 153 3.76 4.52 -18.61
C PRO B 153 3.73 4.19 -20.10
N ASN B 154 2.90 4.92 -20.80
CA ASN B 154 2.88 4.79 -22.28
C ASN B 154 2.40 6.07 -22.89
N GLU B 155 2.23 6.09 -24.22
CA GLU B 155 2.00 7.37 -24.89
C GLU B 155 0.52 7.90 -24.71
N ASN B 156 -0.31 7.08 -24.13
CA ASN B 156 -1.69 7.51 -23.89
C ASN B 156 -2.02 7.66 -22.38
N THR B 157 -1.04 7.59 -21.49
CA THR B 157 -1.35 7.51 -20.09
C THR B 157 -0.40 8.37 -19.26
N ILE B 158 -0.97 9.08 -18.29
CA ILE B 158 -0.10 9.74 -17.29
C ILE B 158 -0.54 9.20 -15.90
N ILE B 159 0.42 8.94 -15.00
CA ILE B 159 0.09 8.60 -13.63
C ILE B 159 0.73 9.72 -12.79
N ASP B 160 -0.04 10.39 -11.98
CA ASP B 160 0.56 11.25 -11.01
C ASP B 160 0.40 10.73 -9.57
N LYS B 161 1.33 11.12 -8.73
CA LYS B 161 1.33 10.54 -7.39
C LYS B 161 1.72 11.63 -6.41
N PHE B 162 1.01 11.67 -5.30
CA PHE B 162 1.46 12.66 -4.23
C PHE B 162 0.99 12.22 -2.84
N ASP B 163 1.72 12.71 -1.83
CA ASP B 163 1.35 12.50 -0.43
C ASP B 163 0.65 13.76 0.02
N TRP B 164 -0.63 13.66 0.36
CA TRP B 164 -1.49 14.83 0.56
C TRP B 164 -1.76 14.93 2.07
N THR B 165 -1.49 16.07 2.68
CA THR B 165 -1.72 16.21 4.11
C THR B 165 -2.41 17.50 4.48
N TYR B 166 -3.38 17.42 5.36
CA TYR B 166 -4.06 18.59 5.91
C TYR B 166 -3.54 18.83 7.31
N THR B 167 -3.58 20.08 7.73
CA THR B 167 -3.41 20.40 9.12
C THR B 167 -4.78 20.40 9.73
N THR B 168 -4.87 20.17 11.04
CA THR B 168 -6.14 20.07 11.70
C THR B 168 -6.14 20.87 12.99
N THR B 169 -7.32 21.12 13.49
CA THR B 169 -7.45 21.85 14.74
C THR B 169 -6.72 21.16 15.90
N SER B 170 -6.61 19.85 15.90
CA SER B 170 -5.86 19.19 16.96
C SER B 170 -4.36 19.37 16.83
N GLY B 171 -3.90 19.71 15.64
CA GLY B 171 -2.48 19.81 15.41
C GLY B 171 -1.87 18.61 14.73
N LYS B 172 -2.59 17.52 14.73
CA LYS B 172 -2.14 16.33 14.10
C LYS B 172 -2.54 16.42 12.60
N ARG B 173 -1.58 16.27 11.73
CA ARG B 173 -1.83 16.25 10.31
C ARG B 173 -2.68 15.02 9.92
N TYR B 174 -3.43 15.10 8.83
CA TYR B 174 -4.31 14.08 8.37
C TYR B 174 -3.82 13.77 6.95
N GLN B 175 -3.29 12.57 6.83
CA GLN B 175 -2.54 12.17 5.63
C GLN B 175 -3.31 11.20 4.69
N SER B 176 -3.01 11.28 3.38
CA SER B 176 -3.50 10.25 2.39
C SER B 176 -2.48 10.09 1.27
N ASN B 177 -2.47 8.86 0.67
CA ASN B 177 -1.61 8.63 -0.50
CA ASN B 177 -1.65 8.46 -0.49
C ASN B 177 -2.55 8.73 -1.71
N VAL B 178 -2.11 9.49 -2.67
CA VAL B 178 -2.98 9.80 -3.85
C VAL B 178 -2.30 9.36 -5.14
N ARG B 179 -3.12 8.81 -6.00
CA ARG B 179 -2.68 8.52 -7.33
C ARG B 179 -3.75 8.90 -8.31
N SER B 180 -3.34 9.43 -9.44
CA SER B 180 -4.32 9.89 -10.44
C SER B 180 -3.89 9.26 -11.82
N ASN B 181 -4.85 8.61 -12.47
CA ASN B 181 -4.58 7.98 -13.73
C ASN B 181 -5.29 8.83 -14.78
N PHE B 182 -4.55 9.34 -15.76
CA PHE B 182 -5.08 10.18 -16.83
C PHE B 182 -5.01 9.34 -18.12
N THR B 183 -6.10 9.34 -18.87
CA THR B 183 -6.18 8.56 -20.14
C THR B 183 -6.39 9.61 -21.21
N PHE B 184 -5.50 9.63 -22.20
CA PHE B 184 -5.53 10.59 -23.28
C PHE B 184 -6.06 9.92 -24.57
N ALA B 185 -6.95 10.62 -25.29
CA ALA B 185 -7.60 10.09 -26.51
C ALA B 185 -6.59 10.01 -27.66
N LYS B 186 -5.65 10.95 -27.69
CA LYS B 186 -4.54 10.96 -28.72
C LYS B 186 -3.21 10.88 -28.04
N PRO B 187 -2.24 10.31 -28.71
CA PRO B 187 -0.95 10.20 -28.03
C PRO B 187 -0.34 11.48 -27.55
N ILE B 188 0.41 11.38 -26.43
CA ILE B 188 1.16 12.52 -25.92
C ILE B 188 2.42 12.61 -26.82
N ALA B 189 2.82 13.84 -27.13
CA ALA B 189 3.99 14.09 -27.94
C ALA B 189 5.26 13.45 -27.37
N ALA B 190 6.10 12.98 -28.27
CA ALA B 190 7.28 12.23 -27.90
C ALA B 190 8.23 13.09 -27.11
N ASN B 191 8.24 14.38 -27.39
CA ASN B 191 9.17 15.22 -26.70
C ASN B 191 8.77 15.40 -25.26
N ILE B 192 7.49 15.34 -25.00
N ILE B 192 7.48 15.36 -24.99
CA ILE B 192 7.02 15.38 -23.63
CA ILE B 192 7.00 15.38 -23.62
C ILE B 192 7.37 14.09 -22.91
C ILE B 192 7.38 14.09 -22.91
N LEU B 193 7.13 12.97 -23.57
CA LEU B 193 7.37 11.63 -23.00
C LEU B 193 8.82 11.43 -22.62
N GLN B 194 9.77 12.04 -23.33
CA GLN B 194 11.17 11.78 -23.00
C GLN B 194 11.65 12.47 -21.72
N LYS B 195 10.84 13.38 -21.17
CA LYS B 195 11.22 14.10 -19.98
C LYS B 195 10.43 13.65 -18.74
N GLN B 196 10.97 12.64 -18.07
CA GLN B 196 10.30 12.18 -16.86
C GLN B 196 11.37 11.68 -15.90
N PRO B 197 11.07 11.73 -14.59
CA PRO B 197 9.80 12.28 -14.08
C PRO B 197 9.72 13.79 -14.21
N MET B 198 8.49 14.27 -14.20
CA MET B 198 8.25 15.69 -14.14
C MET B 198 7.61 15.91 -12.75
N PHE B 199 7.92 17.02 -12.07
CA PHE B 199 7.28 17.29 -10.76
C PHE B 199 6.41 18.56 -10.80
N VAL B 200 5.42 18.65 -9.92
CA VAL B 200 4.65 19.86 -9.86
C VAL B 200 4.53 20.29 -8.41
N PHE B 201 4.87 21.56 -8.14
CA PHE B 201 4.68 22.18 -6.80
C PHE B 201 3.36 22.90 -6.82
N ARG B 202 2.48 22.59 -5.83
CA ARG B 202 1.19 23.28 -5.80
C ARG B 202 0.89 23.83 -4.43
N LYS B 203 0.15 24.94 -4.42
CA LYS B 203 -0.26 25.63 -3.24
C LYS B 203 -1.73 25.86 -3.43
N THR B 204 -2.50 25.54 -2.40
CA THR B 204 -3.95 25.81 -2.47
C THR B 204 -4.42 26.72 -1.35
N GLU B 205 -5.51 27.43 -1.64
CA GLU B 205 -6.30 28.13 -0.59
C GLU B 205 -7.76 27.86 -0.74
N LEU B 206 -8.47 27.85 0.38
CA LEU B 206 -9.92 27.70 0.34
C LEU B 206 -10.54 28.47 1.47
N LYS B 207 -11.43 29.38 1.09
CA LYS B 207 -12.34 29.98 2.03
C LYS B 207 -13.72 29.41 1.84
N HIS B 208 -14.39 29.05 2.92
CA HIS B 208 -15.64 28.39 2.78
C HIS B 208 -16.62 28.63 3.93
N SER B 209 -17.85 28.46 3.58
CA SER B 209 -18.93 28.28 4.53
C SER B 209 -19.43 26.88 4.33
N LYS B 210 -20.59 26.54 4.84
CA LYS B 210 -21.16 25.22 4.59
C LYS B 210 -21.85 25.11 3.27
N THR B 211 -22.10 26.22 2.64
CA THR B 211 -22.78 26.20 1.34
C THR B 211 -21.95 26.74 0.17
N GLU B 212 -20.86 27.46 0.45
CA GLU B 212 -20.07 28.08 -0.62
C GLU B 212 -18.58 27.93 -0.43
N LEU B 213 -17.87 27.78 -1.53
CA LEU B 213 -16.39 27.59 -1.49
C LEU B 213 -15.76 28.58 -2.41
N ASN B 214 -14.67 29.19 -1.96
CA ASN B 214 -13.84 30.01 -2.85
C ASN B 214 -12.43 29.53 -2.79
N PHE B 215 -11.99 29.05 -3.93
CA PHE B 215 -10.77 28.26 -4.02
C PHE B 215 -9.74 28.98 -4.89
N LYS B 216 -8.45 28.81 -4.61
CA LYS B 216 -7.35 29.31 -5.46
C LYS B 216 -6.27 28.19 -5.45
N GLU B 217 -5.59 28.07 -6.57
CA GLU B 217 -4.47 27.14 -6.68
C GLU B 217 -3.42 27.78 -7.53
N TRP B 218 -2.16 27.64 -7.07
CA TRP B 218 -1.00 27.96 -7.89
C TRP B 218 -0.24 26.67 -8.14
N GLN B 219 0.25 26.46 -9.36
CA GLN B 219 0.97 25.21 -9.70
C GLN B 219 2.19 25.56 -10.53
N THR B 220 3.33 24.96 -10.23
CA THR B 220 4.56 25.17 -11.02
C THR B 220 5.22 23.86 -11.32
N ALA B 221 5.28 23.50 -12.62
CA ALA B 221 6.01 22.27 -13.01
C ALA B 221 7.52 22.52 -12.97
N PHE B 222 8.28 21.51 -12.55
CA PHE B 222 9.76 21.60 -12.51
C PHE B 222 10.36 20.22 -12.70
N SER B 223 11.51 20.17 -13.39
N SER B 223 11.52 20.13 -13.37
CA SER B 223 12.27 18.94 -13.57
CA SER B 223 12.25 18.86 -13.47
C SER B 223 13.44 18.83 -12.57
C SER B 223 13.46 18.81 -12.54
N ASP B 224 13.80 19.97 -11.95
CA ASP B 224 14.96 20.08 -11.04
C ASP B 224 14.75 21.29 -10.21
N VAL B 225 15.55 21.38 -9.14
CA VAL B 225 15.60 22.55 -8.28
C VAL B 225 17.05 23.07 -8.16
N MET B 226 18.04 22.23 -8.49
CA MET B 226 19.51 22.47 -8.25
C MET B 226 20.16 23.41 -9.25
N SER C 9 10.65 -39.77 6.45
CA SER C 9 10.09 -38.44 6.71
C SER C 9 10.37 -37.92 8.13
N LEU C 10 11.32 -37.02 8.25
CA LEU C 10 11.79 -36.53 9.53
C LEU C 10 11.17 -35.20 10.01
N LEU C 11 10.11 -35.26 10.77
CA LEU C 11 9.39 -34.07 11.15
C LEU C 11 9.84 -33.51 12.51
N PRO C 12 9.51 -32.25 12.78
CA PRO C 12 10.01 -31.74 14.06
C PRO C 12 9.26 -32.19 15.30
N ALA C 13 9.98 -32.26 16.43
CA ALA C 13 9.31 -32.53 17.67
C ALA C 13 9.57 -31.44 18.66
N THR C 14 10.74 -30.83 18.53
CA THR C 14 11.13 -29.77 19.49
C THR C 14 11.79 -28.62 18.77
N HIS C 15 11.70 -27.45 19.41
CA HIS C 15 12.38 -26.25 18.96
C HIS C 15 12.93 -25.34 20.06
N GLU C 16 13.84 -24.49 19.63
CA GLU C 16 14.35 -23.40 20.44
C GLU C 16 14.49 -22.13 19.61
N LEU C 17 14.34 -21.03 20.31
CA LEU C 17 14.33 -19.74 19.69
C LEU C 17 15.20 -18.74 20.48
N HIS C 18 16.02 -18.05 19.74
CA HIS C 18 16.64 -16.84 20.18
C HIS C 18 16.03 -15.73 19.32
N ILE C 19 15.23 -14.86 19.93
CA ILE C 19 14.59 -13.77 19.18
C ILE C 19 15.13 -12.47 19.74
N PHE C 20 15.53 -11.60 18.82
CA PHE C 20 16.21 -10.33 19.32
C PHE C 20 15.96 -9.21 18.35
N GLY C 21 16.24 -7.98 18.80
CA GLY C 21 16.05 -6.80 17.91
C GLY C 21 15.60 -5.63 18.73
N SER C 22 14.70 -4.80 18.13
CA SER C 22 14.25 -3.63 18.90
C SER C 22 12.90 -3.17 18.44
N ILE C 23 12.19 -2.46 19.29
CA ILE C 23 10.90 -1.85 18.98
C ILE C 23 11.14 -0.38 19.33
N ASN C 24 11.01 0.51 18.34
CA ASN C 24 11.30 1.94 18.51
C ASN C 24 12.66 2.16 19.17
N SER C 25 13.63 1.39 18.68
CA SER C 25 15.00 1.34 19.17
C SER C 25 15.21 0.69 20.55
N LEU C 26 14.16 0.31 21.24
CA LEU C 26 14.27 -0.35 22.62
C LEU C 26 14.64 -1.81 22.35
N GLU C 27 15.78 -2.23 22.87
N GLU C 27 15.84 -2.21 22.80
CA GLU C 27 16.35 -3.53 22.51
CA GLU C 27 16.39 -3.53 22.49
C GLU C 27 15.71 -4.60 23.35
C GLU C 27 15.71 -4.59 23.33
N PHE C 28 15.51 -5.76 22.74
CA PHE C 28 15.09 -6.91 23.50
C PHE C 28 15.86 -8.16 23.08
N ASP C 29 15.80 -9.19 23.95
CA ASP C 29 16.51 -10.41 23.59
C ASP C 29 15.93 -11.51 24.43
N LEU C 30 15.35 -12.50 23.80
CA LEU C 30 14.68 -13.59 24.53
C LEU C 30 15.13 -14.96 24.04
N VAL C 31 15.14 -15.94 24.93
CA VAL C 31 15.57 -17.29 24.55
C VAL C 31 14.59 -18.28 25.23
N GLY C 32 14.40 -19.40 24.57
CA GLY C 32 13.53 -20.40 25.10
C GLY C 32 13.36 -21.61 24.23
N ARG C 33 12.52 -22.51 24.72
CA ARG C 33 12.30 -23.80 24.11
C ARG C 33 10.83 -24.14 23.97
N GLY C 34 10.53 -24.92 22.96
CA GLY C 34 9.17 -25.35 22.76
C GLY C 34 9.06 -26.74 22.14
N THR C 35 7.84 -27.17 21.94
CA THR C 35 7.60 -28.48 21.32
C THR C 35 6.42 -28.30 20.38
N GLY C 36 6.13 -29.31 19.57
CA GLY C 36 4.87 -29.25 18.87
C GLY C 36 4.61 -30.57 18.15
N ASN C 37 3.50 -30.60 17.45
CA ASN C 37 3.00 -31.77 16.76
C ASN C 37 2.84 -31.47 15.30
N PRO C 38 3.74 -31.95 14.47
CA PRO C 38 3.76 -31.56 13.07
C PRO C 38 2.72 -32.30 12.24
N LYS C 39 2.04 -33.23 12.87
CA LYS C 39 0.92 -33.86 12.24
C LYS C 39 -0.40 -33.14 12.49
N GLU C 40 -0.42 -32.22 13.45
CA GLU C 40 -1.62 -31.51 13.80
C GLU C 40 -1.49 -29.97 13.77
N GLY C 41 -0.32 -29.45 13.48
CA GLY C 41 -0.19 -28.01 13.38
C GLY C 41 -0.32 -27.29 14.71
N TYR C 42 0.23 -27.93 15.73
CA TYR C 42 0.29 -27.36 17.05
C TYR C 42 1.71 -27.16 17.53
N GLU C 43 1.94 -26.01 18.13
CA GLU C 43 3.21 -25.72 18.75
C GLU C 43 3.00 -24.89 20.00
N GLU C 44 3.94 -25.03 20.93
CA GLU C 44 3.96 -24.22 22.12
C GLU C 44 5.41 -23.82 22.43
N LEU C 45 5.61 -22.64 23.03
CA LEU C 45 6.96 -22.09 23.17
C LEU C 45 6.96 -21.27 24.49
N HIS C 46 7.98 -21.47 25.30
CA HIS C 46 8.23 -20.56 26.42
C HIS C 46 9.49 -19.72 26.10
N LEU C 47 9.45 -18.41 26.41
CA LEU C 47 10.66 -17.56 26.21
C LEU C 47 10.88 -16.72 27.46
N LYS C 48 12.13 -16.43 27.67
CA LYS C 48 12.53 -15.60 28.77
C LYS C 48 13.54 -14.54 28.33
N SER C 49 13.31 -13.34 28.82
CA SER C 49 14.17 -12.22 28.53
C SER C 49 15.55 -12.42 29.14
N THR C 50 16.59 -12.12 28.40
CA THR C 50 17.94 -12.14 28.91
C THR C 50 18.41 -10.77 29.39
N LYS C 51 17.54 -9.79 29.33
CA LYS C 51 17.78 -8.49 29.84
C LYS C 51 16.82 -8.24 31.00
N SER C 52 15.88 -7.35 30.79
CA SER C 52 14.84 -7.11 31.76
C SER C 52 13.41 -7.22 31.15
N ALA C 53 12.45 -6.58 31.75
CA ALA C 53 11.08 -6.57 31.25
C ALA C 53 11.02 -5.97 29.84
N LEU C 54 10.11 -6.43 28.99
CA LEU C 54 9.92 -5.77 27.72
C LEU C 54 9.24 -4.40 27.94
N GLN C 55 9.66 -3.41 27.15
CA GLN C 55 9.15 -2.05 27.27
C GLN C 55 8.09 -1.77 26.21
N PHE C 56 7.37 -2.80 25.86
CA PHE C 56 6.33 -2.77 24.85
C PHE C 56 5.43 -4.02 24.99
N SER C 57 4.27 -4.00 24.38
CA SER C 57 3.41 -5.14 24.48
C SER C 57 4.04 -6.43 23.98
N PRO C 58 4.01 -7.48 24.78
CA PRO C 58 4.56 -8.73 24.29
C PRO C 58 3.77 -9.25 23.09
N TRP C 59 2.54 -8.84 22.92
CA TRP C 59 1.79 -9.31 21.80
C TRP C 59 2.38 -8.86 20.47
N ILE C 60 3.23 -7.84 20.48
CA ILE C 60 3.80 -7.39 19.19
C ILE C 60 4.87 -8.42 18.72
N LEU C 61 5.14 -9.46 19.51
CA LEU C 61 6.09 -10.51 19.06
C LEU C 61 5.30 -11.67 18.46
N VAL C 62 3.96 -11.58 18.52
CA VAL C 62 3.10 -12.62 17.87
C VAL C 62 2.74 -11.93 16.51
N PRO C 63 2.96 -12.60 15.39
CA PRO C 63 3.27 -14.03 15.21
C PRO C 63 4.77 -14.25 14.89
N GLN C 64 5.64 -13.29 15.24
CA GLN C 64 7.10 -13.57 15.09
C GLN C 64 7.51 -14.92 15.73
N ILE C 65 6.94 -15.29 16.91
CA ILE C 65 7.48 -16.41 17.74
C ILE C 65 6.92 -17.78 17.32
N1 CR2 C 66 5.95 -17.64 16.47
CA1 CR2 C 66 5.30 -18.58 15.58
C1 CR2 C 66 4.91 -18.43 14.11
N2 CR2 C 66 3.73 -18.16 13.70
N3 CR2 C 66 5.87 -18.38 13.12
C2 CR2 C 66 5.29 -17.79 12.01
O2 CR2 C 66 5.86 -17.58 11.01
CA2 CR2 C 66 3.92 -17.68 12.45
CA3 CR2 C 66 7.30 -18.55 13.36
C3 CR2 C 66 7.88 -19.92 13.00
O3 CR2 C 66 9.08 -20.01 12.72
CB2 CR2 C 66 2.90 -17.22 11.64
CG2 CR2 C 66 1.51 -16.93 11.87
CD1 CR2 C 66 0.80 -17.13 13.05
CD2 CR2 C 66 0.92 -16.33 10.72
CE1 CR2 C 66 -0.57 -16.80 13.10
CE2 CR2 C 66 -0.43 -15.96 10.79
CZ CR2 C 66 -1.19 -16.24 11.96
OH CR2 C 66 -2.45 -15.98 12.03
N PHE C 67 7.06 -20.96 13.09
CA PHE C 67 7.61 -22.33 12.87
C PHE C 67 6.68 -23.17 12.01
N TYR C 68 6.64 -22.84 10.73
CA TYR C 68 5.77 -23.55 9.80
C TYR C 68 6.20 -24.98 9.61
N GLN C 69 7.36 -25.35 10.16
CA GLN C 69 7.77 -26.78 10.15
C GLN C 69 6.81 -27.67 10.91
N TYR C 70 5.94 -27.10 11.71
CA TYR C 70 4.92 -27.87 12.39
C TYR C 70 3.57 -27.96 11.64
N LEU C 71 3.48 -27.35 10.47
CA LEU C 71 2.25 -27.33 9.69
C LEU C 71 2.27 -28.44 8.64
N PRO C 72 1.41 -29.43 8.80
CA PRO C 72 1.18 -30.40 7.72
C PRO C 72 0.31 -29.83 6.63
N PHE C 73 0.39 -30.40 5.42
CA PHE C 73 -0.59 -30.02 4.41
C PHE C 73 -1.72 -31.02 4.45
N PRO C 74 -2.78 -30.76 3.67
CA PRO C 74 -4.00 -31.56 3.86
C PRO C 74 -3.75 -33.06 3.54
N ASP C 75 -4.57 -33.92 4.15
CA ASP C 75 -4.55 -35.37 3.89
C ASP C 75 -3.20 -35.97 4.20
N GLY C 76 -2.57 -35.48 5.28
CA GLY C 76 -1.29 -36.02 5.69
C GLY C 76 -0.06 -35.70 4.89
N ALA C 77 -0.11 -34.76 3.92
CA ALA C 77 1.05 -34.48 3.07
C ALA C 77 2.01 -33.57 3.87
N MET C 78 3.27 -33.53 3.49
CA MET C 78 4.20 -32.60 4.06
C MET C 78 3.96 -31.24 3.42
N SER C 79 3.98 -30.17 4.22
CA SER C 79 3.97 -28.85 3.65
C SER C 79 5.33 -28.64 3.04
N PRO C 80 5.50 -27.63 2.16
CA PRO C 80 6.83 -27.40 1.58
C PRO C 80 7.83 -27.04 2.70
N PHE C 81 7.33 -26.39 3.75
CA PHE C 81 8.20 -26.05 4.92
C PHE C 81 8.70 -27.29 5.57
N GLN C 82 7.80 -28.24 5.79
CA GLN C 82 8.25 -29.55 6.30
C GLN C 82 9.21 -30.30 5.39
N ALA C 83 8.94 -30.30 4.07
CA ALA C 83 9.85 -30.98 3.12
C ALA C 83 11.28 -30.40 3.15
N ALA C 84 11.39 -29.12 3.41
CA ALA C 84 12.67 -28.46 3.43
C ALA C 84 13.47 -28.76 4.67
N MET C 85 12.80 -29.07 5.75
CA MET C 85 13.44 -29.52 6.94
C MET C 85 13.84 -30.96 6.77
N ASN C 86 12.91 -31.76 6.31
CA ASN C 86 13.12 -33.19 6.03
C ASN C 86 14.40 -33.50 5.30
N ASP C 87 14.70 -32.76 4.24
CA ASP C 87 15.94 -32.97 3.54
C ASP C 87 17.08 -32.08 3.84
N GLY C 88 16.94 -31.31 4.89
CA GLY C 88 17.95 -30.35 5.34
C GLY C 88 18.20 -29.12 4.50
N SER C 89 17.54 -28.97 3.37
CA SER C 89 17.88 -27.87 2.49
C SER C 89 17.44 -26.51 3.05
N GLY C 90 16.34 -26.53 3.75
CA GLY C 90 15.82 -25.39 4.49
C GLY C 90 15.25 -24.24 3.69
N TYR C 91 14.84 -23.23 4.42
CA TYR C 91 14.30 -22.02 3.89
C TYR C 91 14.57 -20.86 4.85
N GLN C 92 14.45 -19.66 4.31
CA GLN C 92 14.56 -18.45 5.06
C GLN C 92 13.24 -17.70 5.03
N VAL C 93 13.03 -16.82 6.00
CA VAL C 93 11.77 -15.97 6.00
C VAL C 93 12.11 -14.53 6.15
N HIS C 94 11.40 -13.67 5.37
CA HIS C 94 11.57 -12.24 5.49
C HIS C 94 10.16 -11.67 5.52
N ARG C 95 9.75 -11.19 6.67
CA ARG C 95 8.37 -10.82 6.88
C ARG C 95 8.24 -9.35 7.14
N THR C 96 7.22 -8.74 6.57
CA THR C 96 7.04 -7.28 6.80
C THR C 96 5.59 -7.00 7.18
N MET C 97 5.37 -6.30 8.31
CA MET C 97 4.06 -5.91 8.76
C MET C 97 3.97 -4.43 8.68
N GLN C 98 2.93 -3.91 8.02
CA GLN C 98 2.71 -2.46 7.97
C GLN C 98 1.40 -2.11 8.72
N PHE C 99 1.54 -1.34 9.80
CA PHE C 99 0.43 -1.10 10.67
C PHE C 99 -0.36 0.17 10.28
N GLU C 100 -1.58 0.26 10.77
CA GLU C 100 -2.52 1.31 10.33
C GLU C 100 -2.03 2.69 10.79
N ASP C 101 -1.21 2.72 11.83
CA ASP C 101 -0.72 3.97 12.39
C ASP C 101 0.66 4.40 11.89
N GLY C 102 1.13 3.73 10.86
CA GLY C 102 2.36 3.94 10.16
C GLY C 102 3.57 3.13 10.63
N ALA C 103 3.39 2.42 11.73
CA ALA C 103 4.55 1.60 12.24
C ALA C 103 4.82 0.47 11.21
N THR C 104 6.08 -0.03 11.31
CA THR C 104 6.55 -1.14 10.41
C THR C 104 7.29 -2.13 11.29
N LEU C 105 7.06 -3.45 11.10
N LEU C 105 7.08 -3.41 11.09
CA LEU C 105 7.81 -4.42 11.86
CA LEU C 105 7.83 -4.38 11.80
C LEU C 105 8.38 -5.41 10.82
C LEU C 105 8.38 -5.41 10.82
N THR C 106 9.67 -5.63 10.82
CA THR C 106 10.28 -6.59 9.84
C THR C 106 10.77 -7.76 10.70
N GLY C 107 10.59 -8.99 10.21
CA GLY C 107 11.20 -10.12 10.88
C GLY C 107 12.03 -10.91 9.90
N ILE C 108 13.21 -11.32 10.34
CA ILE C 108 14.11 -12.07 9.52
C ILE C 108 14.33 -13.37 10.22
N TYR C 109 13.93 -14.50 9.65
CA TYR C 109 13.95 -15.79 10.37
C TYR C 109 14.96 -16.75 9.76
N ARG C 110 15.91 -17.30 10.57
CA ARG C 110 16.85 -18.30 10.06
C ARG C 110 16.77 -19.49 10.99
N TYR C 111 16.97 -20.70 10.41
CA TYR C 111 16.85 -21.94 11.15
C TYR C 111 18.03 -22.80 10.89
N THR C 112 18.41 -23.56 11.91
CA THR C 112 19.23 -24.81 11.68
C THR C 112 18.47 -25.99 12.30
N TYR C 113 18.89 -27.20 11.88
CA TYR C 113 18.18 -28.39 12.26
C TYR C 113 19.18 -29.41 12.83
N GLU C 114 18.76 -30.05 13.90
CA GLU C 114 19.47 -31.25 14.45
C GLU C 114 18.48 -32.38 14.65
N GLY C 115 18.43 -33.32 13.70
CA GLY C 115 17.44 -34.40 13.80
C GLY C 115 16.04 -33.76 13.79
N THR C 116 15.27 -34.01 14.85
CA THR C 116 13.87 -33.49 14.97
C THR C 116 13.81 -32.19 15.77
N HIS C 117 14.98 -31.60 16.00
CA HIS C 117 15.08 -30.34 16.77
C HIS C 117 15.38 -29.15 15.85
N ILE C 118 14.61 -28.05 16.02
CA ILE C 118 14.87 -26.85 15.20
C ILE C 118 15.39 -25.79 16.13
N LYS C 119 16.41 -25.05 15.66
CA LYS C 119 16.97 -23.86 16.31
C LYS C 119 16.68 -22.64 15.44
N GLY C 120 15.98 -21.67 16.01
CA GLY C 120 15.54 -20.46 15.29
C GLY C 120 16.40 -19.31 15.79
N GLU C 121 16.86 -18.44 14.89
CA GLU C 121 17.47 -17.15 15.23
C GLU C 121 16.64 -16.13 14.46
N PHE C 122 15.84 -15.37 15.21
CA PHE C 122 14.84 -14.46 14.58
C PHE C 122 15.21 -13.05 14.99
N GLN C 123 15.50 -12.19 13.97
CA GLN C 123 15.81 -10.77 14.21
C GLN C 123 14.52 -9.99 13.92
N VAL C 124 14.11 -9.11 14.83
CA VAL C 124 12.86 -8.38 14.59
C VAL C 124 13.15 -6.89 14.80
N ILE C 125 12.78 -6.04 13.86
N ILE C 125 12.77 -6.05 13.87
CA ILE C 125 12.97 -4.61 13.97
CA ILE C 125 12.95 -4.64 14.01
C ILE C 125 11.64 -3.92 13.77
C ILE C 125 11.64 -3.92 13.77
N GLY C 126 11.21 -3.18 14.77
CA GLY C 126 9.89 -2.46 14.68
C GLY C 126 10.16 -1.02 14.99
N THR C 127 9.55 -0.18 14.19
CA THR C 127 9.69 1.27 14.35
C THR C 127 8.42 1.97 14.08
N GLY C 128 8.35 3.24 14.55
CA GLY C 128 7.18 4.11 14.24
C GLY C 128 5.95 3.81 15.05
N PHE C 129 6.06 3.08 16.16
CA PHE C 129 4.91 2.85 17.02
C PHE C 129 4.62 4.12 17.83
N PRO C 130 3.41 4.65 17.72
CA PRO C 130 3.16 5.90 18.54
C PRO C 130 3.32 5.67 20.00
N ALA C 131 3.80 6.71 20.72
CA ALA C 131 4.10 6.51 22.11
C ALA C 131 2.85 6.28 22.90
N ASP C 132 1.73 6.74 22.40
CA ASP C 132 0.46 6.49 23.05
C ASP C 132 -0.40 5.43 22.38
N GLY C 133 0.15 4.68 21.44
CA GLY C 133 -0.57 3.60 20.84
C GLY C 133 -0.57 2.34 21.66
N PRO C 134 -1.33 1.35 21.21
CA PRO C 134 -1.56 0.16 22.02
C PRO C 134 -0.34 -0.77 22.18
N VAL C 135 0.59 -0.70 21.26
CA VAL C 135 1.83 -1.41 21.42
C VAL C 135 2.62 -0.82 22.56
N MET C 136 2.85 0.46 22.47
CA MET C 136 3.77 1.07 23.48
C MET C 136 3.07 1.21 24.86
N THR C 137 1.74 1.19 24.92
CA THR C 137 1.04 1.28 26.21
C THR C 137 0.53 -0.05 26.71
N ASN C 138 0.94 -1.11 26.04
CA ASN C 138 0.61 -2.45 26.45
C ASN C 138 -0.90 -2.61 26.55
N SER C 139 -1.59 -2.24 25.50
CA SER C 139 -3.03 -2.28 25.47
C SER C 139 -3.60 -3.31 24.51
N LEU C 140 -2.73 -4.11 23.88
CA LEU C 140 -3.22 -5.22 23.02
C LEU C 140 -3.70 -6.30 23.99
N THR C 141 -4.88 -6.85 23.67
CA THR C 141 -5.46 -7.91 24.53
C THR C 141 -5.41 -9.29 23.92
N ALA C 142 -5.48 -9.39 22.58
CA ALA C 142 -5.46 -10.72 21.95
C ALA C 142 -5.23 -10.49 20.48
N ALA C 143 -4.97 -11.58 19.76
CA ALA C 143 -4.84 -11.52 18.28
C ALA C 143 -6.07 -12.25 17.74
N ASP C 144 -6.83 -11.62 16.83
CA ASP C 144 -7.88 -12.30 16.12
C ASP C 144 -7.35 -13.55 15.36
N TRP C 145 -8.21 -14.58 15.32
CA TRP C 145 -7.95 -15.78 14.47
C TRP C 145 -7.84 -15.20 13.05
N CYS C 146 -7.15 -15.95 12.21
CA CYS C 146 -6.61 -15.31 10.98
C CYS C 146 -6.49 -16.39 9.90
N VAL C 147 -6.70 -15.94 8.65
CA VAL C 147 -6.47 -16.81 7.48
C VAL C 147 -5.38 -16.20 6.62
N THR C 148 -4.38 -17.01 6.35
CA THR C 148 -3.25 -16.65 5.53
C THR C 148 -3.41 -17.25 4.14
N LYS C 149 -3.02 -16.49 3.13
CA LYS C 149 -3.08 -17.02 1.73
C LYS C 149 -1.63 -17.33 1.31
N ILE C 150 -1.39 -18.50 0.70
CA ILE C 150 -0.04 -18.85 0.24
C ILE C 150 -0.08 -19.02 -1.28
N VAL C 151 0.78 -18.33 -1.96
CA VAL C 151 1.01 -18.66 -3.38
C VAL C 151 2.50 -18.93 -3.65
N TYR C 152 2.78 -19.54 -4.82
CA TYR C 152 4.17 -19.90 -5.17
C TYR C 152 4.52 -19.25 -6.51
N PRO C 153 5.20 -18.09 -6.46
CA PRO C 153 5.50 -17.39 -7.70
C PRO C 153 6.58 -18.10 -8.59
N ASN C 154 7.36 -18.95 -7.96
CA ASN C 154 8.36 -19.79 -8.66
C ASN C 154 8.75 -20.91 -7.72
N GLU C 155 9.55 -21.84 -8.22
CA GLU C 155 9.72 -23.10 -7.49
C GLU C 155 10.60 -22.98 -6.25
N ASN C 156 11.20 -21.81 -6.08
CA ASN C 156 12.06 -21.55 -4.93
C ASN C 156 11.45 -20.55 -3.96
N THR C 157 10.19 -20.09 -4.19
CA THR C 157 9.74 -18.90 -3.43
C THR C 157 8.28 -19.08 -3.01
N ILE C 158 7.97 -18.77 -1.74
CA ILE C 158 6.57 -18.69 -1.33
C ILE C 158 6.28 -17.34 -0.80
N ILE C 159 5.08 -16.81 -1.09
CA ILE C 159 4.68 -15.52 -0.53
C ILE C 159 3.45 -15.85 0.25
N ASP C 160 3.44 -15.51 1.55
CA ASP C 160 2.17 -15.60 2.27
C ASP C 160 1.69 -14.18 2.66
N LYS C 161 0.39 -14.05 2.82
CA LYS C 161 -0.24 -12.75 3.07
C LYS C 161 -1.36 -12.91 4.02
N PHE C 162 -1.49 -11.96 4.96
CA PHE C 162 -2.60 -11.94 5.86
C PHE C 162 -2.85 -10.55 6.42
N ASP C 163 -4.14 -10.36 6.74
CA ASP C 163 -4.56 -9.17 7.47
C ASP C 163 -4.59 -9.51 8.99
N TRP C 164 -3.76 -8.80 9.80
CA TRP C 164 -3.48 -9.23 11.15
C TRP C 164 -4.14 -8.15 12.05
N THR C 165 -5.03 -8.59 12.92
CA THR C 165 -5.72 -7.59 13.81
C THR C 165 -5.65 -8.06 15.28
N TYR C 166 -5.35 -7.11 16.14
CA TYR C 166 -5.42 -7.39 17.55
C TYR C 166 -6.67 -6.69 18.08
N THR C 167 -7.23 -7.23 19.16
CA THR C 167 -8.17 -6.49 19.97
C THR C 167 -7.38 -5.66 21.01
N THR C 168 -7.98 -4.56 21.47
CA THR C 168 -7.29 -3.68 22.46
C THR C 168 -8.25 -3.38 23.61
N THR C 169 -7.67 -2.84 24.68
CA THR C 169 -8.52 -2.57 25.86
C THR C 169 -9.57 -1.50 25.52
N SER C 170 -9.35 -0.71 24.50
CA SER C 170 -10.28 0.31 24.10
C SER C 170 -11.44 -0.18 23.24
N GLY C 171 -11.30 -1.39 22.74
CA GLY C 171 -12.28 -2.01 21.85
C GLY C 171 -12.00 -1.75 20.36
N LYS C 172 -11.02 -0.90 20.04
CA LYS C 172 -10.75 -0.52 18.67
C LYS C 172 -9.71 -1.58 18.25
N ARG C 173 -9.93 -2.27 17.13
CA ARG C 173 -8.91 -3.24 16.72
C ARG C 173 -7.72 -2.50 16.16
N TYR C 174 -6.57 -3.16 16.19
CA TYR C 174 -5.32 -2.61 15.76
C TYR C 174 -4.82 -3.50 14.62
N GLN C 175 -4.74 -2.90 13.44
CA GLN C 175 -4.56 -3.61 12.21
C GLN C 175 -3.22 -3.45 11.53
N SER C 176 -2.78 -4.50 10.83
CA SER C 176 -1.66 -4.44 9.91
C SER C 176 -1.82 -5.34 8.68
N ASN C 177 -1.18 -4.97 7.60
N ASN C 177 -1.21 -4.92 7.57
CA ASN C 177 -1.17 -5.85 6.47
CA ASN C 177 -1.05 -5.71 6.33
C ASN C 177 0.20 -6.54 6.57
C ASN C 177 0.24 -6.51 6.50
N VAL C 178 0.20 -7.83 6.34
CA VAL C 178 1.45 -8.67 6.48
C VAL C 178 1.78 -9.44 5.21
N ARG C 179 3.03 -9.41 4.77
CA ARG C 179 3.52 -10.25 3.68
C ARG C 179 4.74 -10.99 4.18
N SER C 180 4.90 -12.25 3.81
CA SER C 180 6.10 -12.98 4.31
C SER C 180 6.68 -13.62 3.00
N ASN C 181 7.97 -13.42 2.74
CA ASN C 181 8.60 -14.01 1.57
C ASN C 181 9.54 -15.10 2.10
N PHE C 182 9.37 -16.33 1.59
CA PHE C 182 10.15 -17.53 2.02
C PHE C 182 11.00 -17.86 0.82
N THR C 183 12.29 -18.13 1.10
CA THR C 183 13.23 -18.42 0.04
C THR C 183 13.74 -19.82 0.36
N PHE C 184 13.62 -20.73 -0.63
CA PHE C 184 13.92 -22.16 -0.49
C PHE C 184 15.17 -22.52 -1.27
N ALA C 185 16.12 -23.19 -0.58
CA ALA C 185 17.41 -23.53 -1.18
C ALA C 185 17.26 -24.55 -2.32
N LYS C 186 16.27 -25.41 -2.18
CA LYS C 186 15.94 -26.40 -3.21
C LYS C 186 14.53 -26.22 -3.71
N PRO C 187 14.30 -26.56 -4.97
CA PRO C 187 12.94 -26.38 -5.53
C PRO C 187 11.90 -27.11 -4.77
N ILE C 188 10.71 -26.50 -4.70
CA ILE C 188 9.58 -27.06 -4.04
C ILE C 188 8.99 -28.13 -5.02
N ALA C 189 8.44 -29.20 -4.47
CA ALA C 189 7.89 -30.36 -5.32
C ALA C 189 6.83 -29.83 -6.29
N ALA C 190 6.84 -30.36 -7.54
CA ALA C 190 5.79 -29.97 -8.48
C ALA C 190 4.39 -30.16 -7.93
N ASN C 191 4.17 -31.26 -7.24
CA ASN C 191 2.82 -31.58 -6.78
C ASN C 191 2.32 -30.58 -5.73
N ILE C 192 3.23 -29.99 -4.98
CA ILE C 192 2.87 -28.86 -4.06
C ILE C 192 2.51 -27.61 -4.90
N LEU C 193 3.32 -27.35 -5.88
CA LEU C 193 3.18 -26.16 -6.67
C LEU C 193 1.85 -26.16 -7.39
N GLN C 194 1.35 -27.32 -7.66
CA GLN C 194 0.11 -27.42 -8.41
C GLN C 194 -1.13 -27.03 -7.64
N LYS C 195 -1.07 -27.01 -6.33
CA LYS C 195 -2.22 -26.70 -5.51
C LYS C 195 -2.14 -25.26 -5.04
N GLN C 196 -2.69 -24.34 -5.80
CA GLN C 196 -2.65 -22.90 -5.37
C GLN C 196 -3.97 -22.30 -5.61
N PRO C 197 -4.35 -21.28 -4.78
CA PRO C 197 -3.64 -20.94 -3.54
C PRO C 197 -3.99 -21.95 -2.47
N MET C 198 -3.20 -21.93 -1.44
CA MET C 198 -3.43 -22.72 -0.24
C MET C 198 -3.71 -21.72 0.90
N PHE C 199 -4.64 -22.04 1.80
CA PHE C 199 -4.91 -21.11 2.91
C PHE C 199 -4.56 -21.81 4.18
N VAL C 200 -4.34 -21.03 5.24
CA VAL C 200 -4.02 -21.64 6.54
C VAL C 200 -4.79 -20.86 7.58
N PHE C 201 -5.57 -21.53 8.43
CA PHE C 201 -6.35 -20.91 9.50
C PHE C 201 -5.52 -21.06 10.77
N ARG C 202 -5.23 -19.93 11.43
CA ARG C 202 -4.36 -19.99 12.63
C ARG C 202 -5.08 -19.38 13.83
N LYS C 203 -4.85 -19.98 15.00
CA LYS C 203 -5.25 -19.42 16.31
C LYS C 203 -3.99 -19.28 17.13
N THR C 204 -3.91 -18.19 17.89
CA THR C 204 -2.76 -18.05 18.84
C THR C 204 -3.23 -17.72 20.24
N GLU C 205 -2.36 -18.10 21.22
CA GLU C 205 -2.59 -17.71 22.62
C GLU C 205 -1.27 -17.24 23.19
N LEU C 206 -1.34 -16.21 24.00
CA LEU C 206 -0.11 -15.77 24.69
C LEU C 206 -0.51 -15.37 26.14
N LYS C 207 0.21 -15.99 27.05
CA LYS C 207 0.25 -15.62 28.42
C LYS C 207 1.62 -15.00 28.72
N HIS C 208 1.69 -13.96 29.49
CA HIS C 208 2.99 -13.39 29.69
C HIS C 208 3.10 -12.73 31.02
N SER C 209 4.29 -12.64 31.52
CA SER C 209 4.63 -11.70 32.56
C SER C 209 5.51 -10.62 31.92
N LYS C 210 6.28 -9.94 32.71
CA LYS C 210 7.07 -8.85 32.18
CA LYS C 210 7.08 -8.81 32.18
C LYS C 210 8.29 -9.37 31.40
N THR C 211 8.77 -10.51 31.86
CA THR C 211 9.97 -11.16 31.38
C THR C 211 9.83 -12.53 30.73
N GLU C 212 8.66 -13.14 30.85
CA GLU C 212 8.44 -14.49 30.30
C GLU C 212 7.17 -14.57 29.46
N LEU C 213 7.21 -15.34 28.36
CA LEU C 213 6.08 -15.46 27.50
C LEU C 213 5.82 -16.98 27.35
N ASN C 214 4.56 -17.35 27.32
CA ASN C 214 4.14 -18.70 27.03
C ASN C 214 3.15 -18.63 25.90
N PHE C 215 3.54 -19.20 24.77
CA PHE C 215 2.81 -18.96 23.50
C PHE C 215 2.31 -20.29 22.99
N LYS C 216 1.15 -20.31 22.35
CA LYS C 216 0.67 -21.54 21.70
C LYS C 216 0.13 -21.11 20.34
N GLU C 217 0.18 -22.04 19.39
CA GLU C 217 -0.34 -21.73 18.02
C GLU C 217 -0.95 -23.03 17.48
N TRP C 218 -2.13 -22.90 16.89
CA TRP C 218 -2.79 -24.02 16.16
C TRP C 218 -2.91 -23.56 14.71
N GLN C 219 -2.51 -24.44 13.80
CA GLN C 219 -2.56 -24.02 12.38
C GLN C 219 -3.10 -25.18 11.55
N THR C 220 -3.97 -24.83 10.60
N THR C 220 -3.97 -24.86 10.61
CA THR C 220 -4.53 -25.91 9.75
CA THR C 220 -4.54 -25.89 9.74
C THR C 220 -4.69 -25.40 8.34
C THR C 220 -4.69 -25.40 8.34
N ALA C 221 -4.12 -26.13 7.42
CA ALA C 221 -4.06 -25.70 5.98
C ALA C 221 -5.32 -26.19 5.34
N PHE C 222 -5.83 -25.41 4.40
CA PHE C 222 -7.03 -25.78 3.68
C PHE C 222 -7.05 -25.19 2.28
N SER C 223 -7.60 -25.98 1.35
CA SER C 223 -7.81 -25.62 -0.02
C SER C 223 -9.20 -25.13 -0.31
N ASP C 224 -10.10 -25.49 0.54
CA ASP C 224 -11.53 -25.38 0.33
C ASP C 224 -12.21 -25.63 1.67
N VAL C 225 -13.37 -25.05 1.87
CA VAL C 225 -14.15 -25.32 3.03
C VAL C 225 -15.52 -25.83 2.58
N MET C 226 -15.74 -25.85 1.28
CA MET C 226 -16.96 -26.29 0.68
C MET C 226 -16.92 -27.78 0.37
N HIS D 2 30.23 21.05 18.11
CA HIS D 2 30.08 20.49 19.42
C HIS D 2 31.45 20.07 19.82
N HIS D 3 31.89 20.33 21.04
CA HIS D 3 33.12 19.72 21.50
C HIS D 3 34.26 20.74 21.88
N HIS D 4 34.88 20.47 23.01
CA HIS D 4 35.77 21.50 23.54
C HIS D 4 36.92 21.83 22.63
N HIS D 5 37.30 20.90 21.74
CA HIS D 5 38.38 21.26 20.80
C HIS D 5 37.86 21.39 19.36
N HIS D 6 36.57 21.64 19.21
CA HIS D 6 35.99 21.78 17.88
C HIS D 6 34.77 22.63 18.00
N HIS D 7 35.00 23.92 17.94
CA HIS D 7 33.98 24.84 18.33
C HIS D 7 32.86 24.97 17.34
N GLY D 8 33.06 24.68 16.09
CA GLY D 8 31.93 24.85 15.21
C GLY D 8 30.94 23.69 15.30
N SER D 9 30.00 23.64 14.39
CA SER D 9 29.19 22.44 14.26
C SER D 9 30.08 21.27 13.85
N LEU D 10 29.74 20.08 14.26
CA LEU D 10 30.47 18.91 13.90
C LEU D 10 29.72 18.22 12.77
N LEU D 11 30.03 18.54 11.54
CA LEU D 11 29.35 18.04 10.32
C LEU D 11 30.32 17.10 9.64
N PRO D 12 29.81 16.11 8.84
CA PRO D 12 30.69 15.07 8.34
C PRO D 12 31.61 15.62 7.25
N ALA D 13 32.84 15.10 7.16
CA ALA D 13 33.69 15.39 6.00
C ALA D 13 34.01 14.10 5.30
N THR D 14 34.03 13.00 6.07
CA THR D 14 34.37 11.67 5.56
C THR D 14 33.39 10.64 6.15
N HIS D 15 33.24 9.55 5.43
CA HIS D 15 32.52 8.39 5.94
C HIS D 15 33.10 7.08 5.45
N GLU D 16 32.67 6.01 6.10
CA GLU D 16 32.96 4.67 5.67
C GLU D 16 31.71 3.84 5.89
N LEU D 17 31.59 2.85 5.05
CA LEU D 17 30.39 2.01 5.09
C LEU D 17 30.73 0.54 5.09
N HIS D 18 30.05 -0.25 5.97
CA HIS D 18 30.03 -1.68 5.83
C HIS D 18 28.58 -2.02 5.55
N ILE D 19 28.32 -2.58 4.37
CA ILE D 19 26.91 -2.91 4.01
C ILE D 19 26.86 -4.37 3.69
N PHE D 20 25.86 -5.06 4.25
CA PHE D 20 25.84 -6.50 4.16
C PHE D 20 24.44 -7.02 4.29
N GLY D 21 24.24 -8.24 3.86
CA GLY D 21 22.93 -8.84 3.95
C GLY D 21 22.78 -9.82 2.82
N SER D 22 21.57 -9.89 2.26
CA SER D 22 21.40 -10.86 1.17
C SER D 22 20.31 -10.37 0.27
N ILE D 23 20.36 -10.81 -0.98
CA ILE D 23 19.27 -10.56 -1.94
C ILE D 23 18.79 -11.92 -2.43
N ASN D 24 17.50 -12.28 -2.20
CA ASN D 24 17.03 -13.66 -2.53
C ASN D 24 17.93 -14.73 -1.93
N SER D 25 18.32 -14.50 -0.65
CA SER D 25 19.21 -15.38 0.17
C SER D 25 20.69 -15.36 -0.26
N LEU D 26 21.01 -14.67 -1.36
CA LEU D 26 22.41 -14.58 -1.86
C LEU D 26 23.13 -13.50 -1.00
N GLU D 27 24.08 -13.96 -0.24
CA GLU D 27 24.81 -13.12 0.67
CA GLU D 27 24.81 -13.11 0.68
C GLU D 27 25.76 -12.13 0.02
N PHE D 28 25.83 -10.91 0.51
CA PHE D 28 26.79 -9.91 0.00
C PHE D 28 27.37 -9.16 1.17
N ASP D 29 28.48 -8.54 0.91
CA ASP D 29 29.16 -7.77 1.92
C ASP D 29 30.13 -6.85 1.18
N LEU D 30 30.02 -5.58 1.43
CA LEU D 30 30.85 -4.56 0.77
C LEU D 30 31.35 -3.62 1.82
N VAL D 31 32.60 -3.14 1.62
CA VAL D 31 33.15 -2.08 2.49
C VAL D 31 33.82 -0.99 1.69
N GLY D 32 33.89 0.19 2.28
CA GLY D 32 34.50 1.30 1.55
C GLY D 32 34.40 2.61 2.27
N ARG D 33 34.98 3.65 1.65
CA ARG D 33 35.12 4.95 2.26
C ARG D 33 34.65 6.01 1.27
N GLY D 34 34.28 7.16 1.83
CA GLY D 34 33.78 8.24 1.04
C GLY D 34 34.06 9.58 1.68
N THR D 35 33.58 10.60 0.98
CA THR D 35 33.66 11.97 1.40
C THR D 35 32.39 12.72 1.02
N GLY D 36 32.25 13.93 1.55
CA GLY D 36 31.21 14.79 0.95
C GLY D 36 31.25 16.17 1.52
N ASN D 37 30.27 16.98 1.15
CA ASN D 37 30.27 18.34 1.49
C ASN D 37 28.94 18.59 2.10
N PRO D 38 28.87 18.70 3.44
CA PRO D 38 27.60 18.79 4.19
C PRO D 38 26.95 20.18 4.11
N LYS D 39 27.60 21.11 3.43
CA LYS D 39 27.01 22.42 3.18
C LYS D 39 26.35 22.46 1.84
N GLU D 40 26.75 21.54 0.99
CA GLU D 40 26.12 21.40 -0.31
C GLU D 40 25.27 20.17 -0.60
N GLY D 41 25.15 19.28 0.35
CA GLY D 41 24.40 18.02 0.13
C GLY D 41 25.00 17.14 -0.93
N TYR D 42 26.33 17.04 -0.96
CA TYR D 42 27.02 16.17 -1.86
C TYR D 42 27.78 15.09 -1.12
N GLU D 43 27.75 13.87 -1.64
CA GLU D 43 28.56 12.81 -1.03
C GLU D 43 29.03 11.90 -2.14
N GLU D 44 30.16 11.22 -1.92
CA GLU D 44 30.58 10.20 -2.87
C GLU D 44 31.18 9.05 -2.06
N LEU D 45 31.10 7.85 -2.57
CA LEU D 45 31.52 6.64 -1.84
C LEU D 45 32.04 5.61 -2.80
N HIS D 46 33.15 4.96 -2.43
CA HIS D 46 33.62 3.79 -3.16
C HIS D 46 33.36 2.53 -2.30
N LEU D 47 32.92 1.42 -2.91
CA LEU D 47 32.70 0.18 -2.22
C LEU D 47 33.32 -0.95 -2.98
N LYS D 48 33.85 -1.96 -2.27
CA LYS D 48 34.31 -3.21 -2.88
C LYS D 48 33.77 -4.42 -2.14
N SER D 49 33.37 -5.44 -2.89
CA SER D 49 32.89 -6.67 -2.33
C SER D 49 34.02 -7.33 -1.55
N THR D 50 33.67 -7.92 -0.42
CA THR D 50 34.57 -8.74 0.35
C THR D 50 34.26 -10.19 0.11
N LYS D 51 33.34 -10.47 -0.83
CA LYS D 51 32.90 -11.81 -1.06
C LYS D 51 32.73 -12.09 -2.55
N SER D 52 33.60 -11.60 -3.38
CA SER D 52 33.45 -11.89 -4.77
C SER D 52 32.23 -11.23 -5.46
N ALA D 53 31.91 -11.69 -6.66
CA ALA D 53 31.12 -10.90 -7.53
C ALA D 53 29.65 -10.89 -7.07
N LEU D 54 29.05 -9.75 -7.19
CA LEU D 54 27.58 -9.55 -6.88
C LEU D 54 26.73 -10.23 -7.91
N GLN D 55 25.76 -10.99 -7.46
N GLN D 55 25.76 -10.99 -7.46
CA GLN D 55 24.94 -11.80 -8.37
CA GLN D 55 24.95 -11.80 -8.33
C GLN D 55 23.57 -11.15 -8.58
C GLN D 55 23.57 -11.15 -8.58
N PHE D 56 23.56 -9.84 -8.63
CA PHE D 56 22.36 -9.03 -8.82
C PHE D 56 22.83 -7.65 -9.15
N SER D 57 21.92 -6.80 -9.63
CA SER D 57 22.25 -5.44 -10.07
C SER D 57 22.77 -4.62 -8.90
N PRO D 58 23.99 -4.02 -9.06
CA PRO D 58 24.45 -3.24 -7.95
C PRO D 58 23.55 -2.03 -7.66
N TRP D 59 22.72 -1.64 -8.63
CA TRP D 59 21.80 -0.52 -8.43
C TRP D 59 20.74 -0.81 -7.33
N ILE D 60 20.54 -2.07 -7.02
CA ILE D 60 19.52 -2.42 -5.99
C ILE D 60 20.11 -1.95 -4.62
N LEU D 61 21.40 -1.59 -4.59
CA LEU D 61 21.95 -0.99 -3.32
C LEU D 61 21.82 0.49 -3.23
N VAL D 62 21.27 1.14 -4.23
CA VAL D 62 20.95 2.54 -4.19
C VAL D 62 19.40 2.57 -3.93
N PRO D 63 18.90 3.34 -2.94
CA PRO D 63 19.67 4.35 -2.16
C PRO D 63 20.21 3.85 -0.81
N GLN D 64 20.35 2.53 -0.62
CA GLN D 64 20.91 2.06 0.71
C GLN D 64 22.24 2.74 1.02
N ILE D 65 23.06 2.97 -0.04
CA ILE D 65 24.49 3.40 0.17
C ILE D 65 24.70 4.89 0.33
N1 CR2 D 66 23.60 5.53 0.08
CA1 CR2 D 66 23.17 6.88 0.36
C1 CR2 D 66 21.80 7.38 0.84
N2 CR2 D 66 20.90 7.88 0.07
N3 CR2 D 66 21.37 7.15 2.13
C2 CR2 D 66 20.03 7.28 2.15
O2 CR2 D 66 19.41 7.11 3.14
CA2 CR2 D 66 19.73 7.84 0.82
CA3 CR2 D 66 22.20 6.46 3.17
C3 CR2 D 66 22.90 7.36 4.18
O3 CR2 D 66 23.19 6.88 5.27
CB2 CR2 D 66 18.50 8.22 0.45
CG2 CR2 D 66 17.97 8.68 -0.82
CD1 CR2 D 66 18.76 8.80 -1.98
CD2 CR2 D 66 16.56 8.86 -0.80
CE1 CR2 D 66 18.16 9.22 -3.17
CE2 CR2 D 66 15.99 9.26 -2.01
CZ CR2 D 66 16.77 9.45 -3.17
OH CR2 D 66 16.16 9.89 -4.27
N PHE D 67 23.20 8.63 3.86
CA PHE D 67 23.96 9.43 4.77
C PHE D 67 23.37 10.84 4.80
N TYR D 68 22.22 10.99 5.42
CA TYR D 68 21.63 12.29 5.44
C TYR D 68 22.41 13.30 6.31
N GLN D 69 23.49 12.82 6.94
CA GLN D 69 24.32 13.73 7.72
C GLN D 69 24.96 14.71 6.76
N TYR D 70 25.01 14.39 5.47
CA TYR D 70 25.52 15.41 4.49
C TYR D 70 24.43 16.40 4.01
N LEU D 71 23.17 16.24 4.41
CA LEU D 71 22.12 17.11 3.93
C LEU D 71 21.92 18.30 4.88
N PRO D 72 22.17 19.54 4.39
CA PRO D 72 21.78 20.71 5.14
C PRO D 72 20.33 21.06 4.95
N PHE D 73 19.73 21.88 5.83
CA PHE D 73 18.44 22.43 5.49
C PHE D 73 18.68 23.77 4.80
N PRO D 74 17.62 24.40 4.28
CA PRO D 74 17.81 25.66 3.55
C PRO D 74 18.48 26.73 4.44
N ASP D 75 19.03 27.75 3.80
CA ASP D 75 19.65 28.86 4.52
C ASP D 75 20.81 28.48 5.41
N GLY D 76 21.54 27.43 5.06
CA GLY D 76 22.70 26.96 5.80
C GLY D 76 22.34 26.35 7.17
N ALA D 77 21.06 26.07 7.40
CA ALA D 77 20.59 25.52 8.69
C ALA D 77 20.97 24.03 8.74
N MET D 78 21.01 23.53 9.99
CA MET D 78 21.14 22.05 10.13
C MET D 78 19.84 21.32 9.86
N SER D 79 19.95 20.18 9.14
CA SER D 79 18.81 19.28 9.06
C SER D 79 18.77 18.56 10.45
N PRO D 80 17.62 17.94 10.78
CA PRO D 80 17.60 17.13 12.04
C PRO D 80 18.65 16.01 12.06
N PHE D 81 19.00 15.46 10.90
CA PHE D 81 20.06 14.42 10.74
C PHE D 81 21.39 14.99 11.15
N GLN D 82 21.67 16.18 10.63
CA GLN D 82 22.92 16.82 11.00
C GLN D 82 22.97 17.18 12.48
N ALA D 83 21.86 17.66 13.06
CA ALA D 83 21.82 18.08 14.49
C ALA D 83 22.06 16.89 15.42
N ALA D 84 21.54 15.74 15.01
CA ALA D 84 21.76 14.52 15.80
C ALA D 84 23.20 13.99 15.73
N MET D 85 23.95 14.31 14.65
CA MET D 85 25.35 13.93 14.58
C MET D 85 26.15 14.96 15.36
N ASN D 86 25.70 16.22 15.23
CA ASN D 86 26.40 17.35 15.87
C ASN D 86 26.52 17.17 17.39
N ASP D 87 25.47 16.65 18.01
CA ASP D 87 25.49 16.50 19.44
C ASP D 87 25.75 15.07 19.96
N GLY D 88 26.05 14.16 19.06
CA GLY D 88 26.39 12.80 19.42
C GLY D 88 25.18 11.93 19.72
N SER D 89 24.01 12.50 19.80
CA SER D 89 22.83 11.73 20.20
C SER D 89 22.40 10.68 19.15
N GLY D 90 22.44 11.08 17.91
CA GLY D 90 22.18 10.15 16.84
C GLY D 90 20.77 9.72 16.55
N TYR D 91 20.67 8.97 15.46
CA TYR D 91 19.45 8.37 15.02
C TYR D 91 19.72 7.04 14.31
N GLN D 92 18.67 6.24 14.18
CA GLN D 92 18.68 4.97 13.48
C GLN D 92 17.73 5.05 12.30
N VAL D 93 17.90 4.16 11.31
CA VAL D 93 16.93 4.17 10.18
C VAL D 93 16.43 2.80 9.94
N HIS D 94 15.16 2.68 9.61
CA HIS D 94 14.62 1.39 9.24
C HIS D 94 13.78 1.66 7.95
N ARG D 95 14.29 1.23 6.83
CA ARG D 95 13.67 1.58 5.54
C ARG D 95 13.08 0.36 4.89
N THR D 96 11.90 0.52 4.32
CA THR D 96 11.33 -0.58 3.62
C THR D 96 10.90 -0.10 2.20
N MET D 97 11.31 -0.89 1.23
CA MET D 97 10.94 -0.70 -0.16
C MET D 97 10.13 -1.87 -0.63
N GLN D 98 9.01 -1.52 -1.26
CA GLN D 98 8.10 -2.52 -1.75
C GLN D 98 7.91 -2.37 -3.25
N PHE D 99 8.36 -3.35 -3.99
CA PHE D 99 8.49 -3.20 -5.43
C PHE D 99 7.27 -3.65 -6.16
N GLU D 100 7.11 -3.07 -7.34
CA GLU D 100 5.98 -3.42 -8.18
C GLU D 100 5.80 -4.91 -8.52
N ASP D 101 6.89 -5.67 -8.52
CA ASP D 101 6.83 -7.12 -8.71
C ASP D 101 6.74 -7.98 -7.41
N GLY D 102 6.48 -7.30 -6.30
CA GLY D 102 6.16 -7.92 -4.95
C GLY D 102 7.45 -8.13 -4.13
N ALA D 103 8.62 -7.90 -4.77
CA ALA D 103 9.86 -7.91 -3.99
C ALA D 103 9.84 -6.93 -2.83
N THR D 104 10.53 -7.27 -1.73
CA THR D 104 10.64 -6.34 -0.62
C THR D 104 12.13 -6.19 -0.27
N LEU D 105 12.53 -4.97 0.08
CA LEU D 105 13.93 -4.71 0.52
C LEU D 105 13.91 -3.87 1.77
N THR D 106 14.49 -4.44 2.86
CA THR D 106 14.53 -3.69 4.12
C THR D 106 15.98 -3.32 4.38
N GLY D 107 16.19 -2.10 4.78
CA GLY D 107 17.50 -1.61 5.18
C GLY D 107 17.43 -1.16 6.65
N ILE D 108 18.47 -1.56 7.40
CA ILE D 108 18.58 -1.21 8.79
C ILE D 108 19.94 -0.44 8.91
N TYR D 109 19.89 0.86 9.23
CA TYR D 109 21.13 1.65 9.20
C TYR D 109 21.47 2.08 10.60
N ARG D 110 22.73 1.86 10.95
CA ARG D 110 23.21 2.32 12.26
C ARG D 110 24.55 3.04 12.07
N TYR D 111 24.78 4.08 12.87
CA TYR D 111 26.02 4.89 12.66
C TYR D 111 26.74 5.06 13.94
N THR D 112 28.05 5.10 13.84
CA THR D 112 28.84 5.75 14.94
C THR D 112 29.67 6.91 14.37
N TYR D 113 30.12 7.83 15.25
CA TYR D 113 30.75 9.08 14.79
C TYR D 113 32.06 9.27 15.51
N GLU D 114 33.08 9.67 14.79
CA GLU D 114 34.39 10.01 15.45
C GLU D 114 34.74 11.38 14.88
N GLY D 115 34.45 12.46 15.61
CA GLY D 115 34.74 13.79 15.11
C GLY D 115 33.90 13.99 13.84
N THR D 116 34.55 14.31 12.72
CA THR D 116 33.79 14.60 11.46
C THR D 116 33.71 13.39 10.58
N HIS D 117 34.00 12.23 11.14
CA HIS D 117 33.98 10.96 10.32
C HIS D 117 32.82 10.09 10.75
N ILE D 118 32.09 9.60 9.75
CA ILE D 118 30.94 8.70 10.05
C ILE D 118 31.30 7.27 9.74
N LYS D 119 30.92 6.31 10.60
CA LYS D 119 31.01 4.88 10.29
C LYS D 119 29.60 4.29 10.24
N GLY D 120 29.25 3.81 9.05
CA GLY D 120 27.94 3.15 8.86
C GLY D 120 28.06 1.63 8.87
N GLU D 121 27.08 1.02 9.54
CA GLU D 121 26.85 -0.44 9.45
C GLU D 121 25.42 -0.65 8.97
N PHE D 122 25.24 -1.03 7.70
CA PHE D 122 23.85 -1.11 7.11
C PHE D 122 23.56 -2.53 6.75
N GLN D 123 22.46 -3.09 7.29
CA GLN D 123 22.09 -4.50 7.03
C GLN D 123 20.94 -4.39 6.04
N VAL D 124 21.05 -5.11 4.95
CA VAL D 124 20.03 -5.02 3.90
C VAL D 124 19.56 -6.38 3.52
N ILE D 125 18.24 -6.55 3.51
N ILE D 125 18.26 -6.57 3.55
CA ILE D 125 17.65 -7.85 3.25
CA ILE D 125 17.74 -7.82 3.16
C ILE D 125 16.60 -7.67 2.14
C ILE D 125 16.64 -7.63 2.11
N GLY D 126 16.83 -8.32 1.00
CA GLY D 126 15.86 -8.27 -0.08
C GLY D 126 15.47 -9.69 -0.44
N THR D 127 14.20 -9.80 -0.76
CA THR D 127 13.61 -11.06 -1.13
C THR D 127 12.52 -10.83 -2.20
N GLY D 128 12.27 -11.93 -2.88
CA GLY D 128 11.08 -12.03 -3.78
C GLY D 128 11.38 -11.29 -5.08
N PHE D 129 12.65 -11.04 -5.40
CA PHE D 129 12.97 -10.53 -6.76
C PHE D 129 12.83 -11.66 -7.81
N PRO D 130 11.96 -11.46 -8.82
CA PRO D 130 11.83 -12.49 -9.86
C PRO D 130 13.17 -12.85 -10.52
N ALA D 131 13.40 -14.12 -10.88
CA ALA D 131 14.69 -14.55 -11.41
C ALA D 131 14.94 -13.90 -12.78
N ASP D 132 13.87 -13.51 -13.47
CA ASP D 132 13.99 -12.90 -14.80
C ASP D 132 13.72 -11.40 -14.72
N GLY D 133 13.66 -10.88 -13.48
CA GLY D 133 13.41 -9.44 -13.43
C GLY D 133 14.66 -8.62 -13.50
N PRO D 134 14.52 -7.27 -13.49
CA PRO D 134 15.75 -6.51 -13.78
C PRO D 134 16.83 -6.48 -12.69
N VAL D 135 16.42 -6.79 -11.46
CA VAL D 135 17.43 -6.84 -10.41
C VAL D 135 18.30 -8.08 -10.63
N MET D 136 17.64 -9.22 -10.77
CA MET D 136 18.45 -10.46 -10.82
C MET D 136 19.13 -10.64 -12.17
N THR D 137 18.67 -9.92 -13.20
CA THR D 137 19.34 -10.03 -14.56
C THR D 137 20.32 -8.87 -14.81
N ASN D 138 20.56 -8.04 -13.81
CA ASN D 138 21.43 -6.90 -13.92
CA ASN D 138 21.44 -6.92 -13.94
C ASN D 138 21.03 -5.93 -15.06
N SER D 139 19.76 -5.59 -15.11
CA SER D 139 19.16 -4.82 -16.19
C SER D 139 18.77 -3.40 -15.80
N LEU D 140 19.12 -2.95 -14.58
CA LEU D 140 18.84 -1.57 -14.21
C LEU D 140 19.99 -0.69 -14.75
N THR D 141 19.63 0.50 -15.21
CA THR D 141 20.56 1.42 -15.82
C THR D 141 20.79 2.68 -15.08
N ALA D 142 19.77 3.15 -14.35
CA ALA D 142 19.89 4.43 -13.60
C ALA D 142 18.69 4.52 -12.70
N ALA D 143 18.80 5.45 -11.76
CA ALA D 143 17.70 5.82 -10.89
C ALA D 143 17.20 7.18 -11.30
N ASP D 144 15.88 7.29 -11.43
CA ASP D 144 15.31 8.60 -11.68
C ASP D 144 15.53 9.59 -10.53
N TRP D 145 15.68 10.85 -10.89
CA TRP D 145 15.72 11.96 -9.88
C TRP D 145 14.40 11.92 -9.11
N CYS D 146 14.44 12.37 -7.85
CA CYS D 146 13.41 11.94 -6.87
C CYS D 146 13.13 13.10 -5.90
N VAL D 147 11.87 13.28 -5.55
CA VAL D 147 11.48 14.21 -4.47
C VAL D 147 11.00 13.39 -3.29
N THR D 148 11.56 13.60 -2.12
CA THR D 148 11.12 12.97 -0.89
C THR D 148 10.40 14.02 -0.03
N LYS D 149 9.38 13.59 0.74
CA LYS D 149 8.72 14.49 1.64
C LYS D 149 9.10 14.01 3.08
N ILE D 150 9.46 14.99 3.92
CA ILE D 150 9.83 14.69 5.32
C ILE D 150 8.68 15.06 6.24
N VAL D 151 8.26 14.08 7.06
CA VAL D 151 7.16 14.36 8.02
C VAL D 151 7.62 13.85 9.38
N TYR D 152 6.97 14.36 10.42
CA TYR D 152 7.35 14.14 11.79
C TYR D 152 6.18 13.59 12.63
N PRO D 153 6.13 12.29 12.87
CA PRO D 153 4.91 11.80 13.62
C PRO D 153 4.94 12.26 15.08
N ASN D 154 6.11 12.56 15.61
CA ASN D 154 6.28 13.17 16.94
C ASN D 154 7.65 13.80 16.96
N GLU D 155 8.06 14.28 18.13
CA GLU D 155 9.40 14.87 18.26
C GLU D 155 10.68 14.01 18.17
N ASN D 156 10.51 12.68 18.15
CA ASN D 156 11.58 11.78 18.16
C ASN D 156 11.60 10.97 16.91
N THR D 157 10.72 11.24 15.98
CA THR D 157 10.61 10.36 14.75
CA THR D 157 10.70 10.49 14.77
C THR D 157 10.44 11.22 13.50
N ILE D 158 11.03 10.71 12.44
CA ILE D 158 10.76 11.18 11.11
C ILE D 158 10.36 10.00 10.23
N ILE D 159 9.45 10.27 9.30
CA ILE D 159 9.17 9.32 8.26
C ILE D 159 9.44 10.09 6.99
N ASP D 160 10.26 9.54 6.12
CA ASP D 160 10.38 10.11 4.80
C ASP D 160 9.78 9.14 3.83
N LYS D 161 9.32 9.69 2.74
CA LYS D 161 8.51 8.96 1.82
C LYS D 161 8.87 9.35 0.42
N PHE D 162 9.01 8.34 -0.42
CA PHE D 162 9.26 8.64 -1.84
C PHE D 162 8.84 7.55 -2.77
N ASP D 163 8.59 7.93 -4.05
CA ASP D 163 8.29 6.92 -5.10
C ASP D 163 9.62 6.71 -5.87
N TRP D 164 10.13 5.52 -5.84
CA TRP D 164 11.50 5.26 -6.33
C TRP D 164 11.41 4.48 -7.67
N THR D 165 12.00 5.06 -8.71
CA THR D 165 11.91 4.38 -10.05
C THR D 165 13.32 4.27 -10.74
N TYR D 166 13.64 3.10 -11.21
CA TYR D 166 14.86 2.95 -12.08
C TYR D 166 14.41 2.86 -13.53
N THR D 167 15.32 3.19 -14.42
CA THR D 167 15.15 2.86 -15.82
C THR D 167 15.86 1.53 -16.11
N THR D 168 15.41 0.81 -17.12
CA THR D 168 16.01 -0.52 -17.36
C THR D 168 16.59 -0.53 -18.80
N THR D 169 17.29 -1.61 -19.10
CA THR D 169 18.02 -1.63 -20.40
C THR D 169 16.96 -1.63 -21.52
N SER D 170 15.76 -2.06 -21.24
CA SER D 170 14.74 -2.08 -22.25
C SER D 170 13.97 -0.76 -22.42
N GLY D 171 14.23 0.20 -21.54
CA GLY D 171 13.56 1.47 -21.48
C GLY D 171 12.33 1.50 -20.56
N LYS D 172 11.94 0.35 -20.07
CA LYS D 172 10.84 0.29 -19.11
C LYS D 172 11.23 0.81 -17.73
N ARG D 173 10.30 1.32 -16.92
CA ARG D 173 10.68 1.75 -15.52
C ARG D 173 10.35 0.60 -14.56
N TYR D 174 11.09 0.60 -13.45
CA TYR D 174 10.92 -0.36 -12.36
C TYR D 174 10.71 0.38 -11.05
N GLN D 175 9.51 0.21 -10.49
CA GLN D 175 8.96 1.05 -9.44
C GLN D 175 8.91 0.40 -8.04
N SER D 176 9.04 1.23 -7.00
CA SER D 176 8.75 0.82 -5.65
C SER D 176 8.29 1.95 -4.79
N ASN D 177 7.52 1.64 -3.75
CA ASN D 177 7.07 2.60 -2.74
CA ASN D 177 7.17 2.65 -2.78
C ASN D 177 8.11 2.52 -1.62
N VAL D 178 8.64 3.65 -1.18
CA VAL D 178 9.66 3.59 -0.06
C VAL D 178 9.23 4.48 1.12
N ARG D 179 9.36 3.92 2.33
N ARG D 179 9.36 3.93 2.32
CA ARG D 179 9.17 4.69 3.59
CA ARG D 179 9.20 4.68 3.57
C ARG D 179 10.37 4.46 4.49
C ARG D 179 10.38 4.47 4.49
N SER D 180 10.90 5.52 5.12
CA SER D 180 12.04 5.34 5.99
C SER D 180 11.64 5.85 7.34
N ASN D 181 11.75 4.98 8.35
CA ASN D 181 11.42 5.43 9.71
C ASN D 181 12.70 5.76 10.40
N PHE D 182 12.81 6.99 10.93
CA PHE D 182 14.05 7.47 11.60
C PHE D 182 13.70 7.57 13.06
N THR D 183 14.50 6.98 13.92
CA THR D 183 14.25 7.13 15.38
C THR D 183 15.45 7.92 16.00
N PHE D 184 15.12 9.05 16.61
CA PHE D 184 16.10 9.94 17.21
C PHE D 184 16.16 9.75 18.79
N ALA D 185 17.37 9.65 19.35
CA ALA D 185 17.64 9.40 20.79
C ALA D 185 17.26 10.65 21.56
N LYS D 186 17.40 11.81 20.92
CA LYS D 186 17.02 13.10 21.54
C LYS D 186 15.96 13.82 20.73
N PRO D 187 15.06 14.61 21.38
CA PRO D 187 13.94 15.24 20.62
C PRO D 187 14.50 16.24 19.61
N ILE D 188 13.83 16.30 18.48
CA ILE D 188 14.24 17.18 17.40
C ILE D 188 13.84 18.59 17.84
N ALA D 189 14.71 19.56 17.57
CA ALA D 189 14.36 20.95 17.97
C ALA D 189 13.07 21.51 17.38
N ALA D 190 12.40 22.35 18.17
CA ALA D 190 11.11 22.90 17.78
C ALA D 190 11.24 23.72 16.53
N ASN D 191 12.41 24.36 16.37
CA ASN D 191 12.59 25.23 15.18
C ASN D 191 12.74 24.43 13.89
N ILE D 192 13.14 23.16 14.00
CA ILE D 192 13.11 22.24 12.86
C ILE D 192 11.71 21.72 12.66
N LEU D 193 11.02 21.37 13.72
CA LEU D 193 9.69 20.86 13.59
C LEU D 193 8.72 21.85 12.95
N GLN D 194 8.96 23.12 13.15
CA GLN D 194 8.03 24.04 12.57
CA GLN D 194 8.12 24.14 12.53
C GLN D 194 8.27 24.19 11.00
N LYS D 195 9.34 23.65 10.47
CA LYS D 195 9.66 23.82 9.05
C LYS D 195 8.94 22.69 8.27
N GLN D 196 7.61 22.80 8.19
N GLN D 196 7.64 22.81 8.15
CA GLN D 196 6.75 21.89 7.42
CA GLN D 196 6.81 21.91 7.37
C GLN D 196 5.85 22.67 6.42
C GLN D 196 5.89 22.66 6.40
N PRO D 197 5.69 22.04 5.23
CA PRO D 197 6.25 20.76 4.87
C PRO D 197 7.66 20.95 4.35
N MET D 198 8.46 19.90 4.31
CA MET D 198 9.80 19.98 3.75
C MET D 198 10.05 18.87 2.79
N PHE D 199 10.67 19.22 1.66
CA PHE D 199 10.97 18.30 0.60
C PHE D 199 12.48 18.20 0.36
N VAL D 200 12.93 17.11 -0.26
CA VAL D 200 14.33 17.00 -0.62
C VAL D 200 14.43 16.45 -2.03
N PHE D 201 15.14 17.16 -2.92
CA PHE D 201 15.38 16.69 -4.27
C PHE D 201 16.69 15.93 -4.28
N ARG D 202 16.71 14.75 -4.86
CA ARG D 202 17.92 13.99 -4.88
C ARG D 202 18.27 13.44 -6.25
N LYS D 203 19.56 13.43 -6.53
CA LYS D 203 20.11 12.83 -7.77
C LYS D 203 21.19 11.83 -7.38
N THR D 204 21.19 10.68 -8.01
CA THR D 204 22.23 9.74 -7.79
C THR D 204 22.98 9.34 -9.10
N GLU D 205 24.23 8.95 -8.93
CA GLU D 205 25.01 8.31 -9.95
C GLU D 205 25.70 7.09 -9.42
N LEU D 206 25.81 6.08 -10.25
CA LEU D 206 26.55 4.89 -9.92
C LEU D 206 27.32 4.29 -11.09
N LYS D 207 28.61 4.11 -10.90
CA LYS D 207 29.43 3.30 -11.78
C LYS D 207 29.82 2.04 -11.07
N HIS D 208 29.72 0.93 -11.76
CA HIS D 208 29.96 -0.32 -11.12
C HIS D 208 30.53 -1.41 -12.01
N SER D 209 31.25 -2.28 -11.36
CA SER D 209 31.57 -3.56 -11.88
C SER D 209 30.80 -4.62 -11.12
N LYS D 210 31.26 -5.85 -11.14
CA LYS D 210 30.59 -6.87 -10.39
C LYS D 210 31.13 -6.97 -8.96
N THR D 211 32.19 -6.22 -8.70
CA THR D 211 32.87 -6.25 -7.44
C THR D 211 33.08 -4.86 -6.84
N GLU D 212 32.96 -3.83 -7.63
CA GLU D 212 33.18 -2.47 -7.14
C GLU D 212 32.14 -1.41 -7.55
N LEU D 213 31.82 -0.51 -6.63
CA LEU D 213 30.84 0.53 -6.83
C LEU D 213 31.42 1.91 -6.62
N ASN D 214 31.08 2.83 -7.48
CA ASN D 214 31.50 4.18 -7.28
C ASN D 214 30.27 5.08 -7.34
N PHE D 215 29.87 5.61 -6.17
CA PHE D 215 28.55 6.21 -6.00
C PHE D 215 28.63 7.66 -5.72
N LYS D 216 27.65 8.43 -6.18
CA LYS D 216 27.56 9.87 -5.93
C LYS D 216 26.11 10.26 -5.67
N GLU D 217 25.86 11.22 -4.76
CA GLU D 217 24.52 11.70 -4.51
C GLU D 217 24.55 13.19 -4.24
N TRP D 218 23.59 13.91 -4.86
CA TRP D 218 23.37 15.31 -4.55
C TRP D 218 21.99 15.40 -3.93
N GLN D 219 21.88 16.17 -2.88
CA GLN D 219 20.59 16.32 -2.20
C GLN D 219 20.38 17.78 -1.90
N THR D 220 19.16 18.25 -2.13
CA THR D 220 18.86 19.65 -1.83
C THR D 220 17.48 19.74 -1.19
N ALA D 221 17.44 20.19 0.06
CA ALA D 221 16.18 20.40 0.74
C ALA D 221 15.50 21.69 0.28
N PHE D 222 14.17 21.66 0.18
CA PHE D 222 13.44 22.84 -0.31
C PHE D 222 12.03 22.86 0.20
N SER D 223 11.57 24.07 0.58
CA SER D 223 10.17 24.25 1.03
C SER D 223 9.26 24.91 -0.03
N ASP D 224 9.84 25.34 -1.13
CA ASP D 224 9.13 26.03 -2.22
C ASP D 224 10.04 25.95 -3.42
N VAL D 225 9.50 26.26 -4.59
CA VAL D 225 10.29 26.39 -5.79
C VAL D 225 10.05 27.73 -6.48
N MET D 226 8.97 28.35 -6.07
CA MET D 226 8.24 29.41 -6.75
C MET D 226 8.20 30.73 -5.97
C1 GOL E . 3.26 -22.14 32.45
O1 GOL E . 3.42 -21.16 33.42
C2 GOL E . 4.48 -22.96 32.15
O2 GOL E . 5.38 -22.36 31.24
C3 GOL E . 3.98 -24.25 31.62
O3 GOL E . 3.63 -25.06 32.67
C1 GOL F . -8.43 -23.38 20.71
O1 GOL F . -7.37 -23.11 19.91
C2 GOL F . -8.58 -24.87 20.56
O2 GOL F . -7.91 -25.41 21.66
C3 GOL F . -8.08 -25.47 19.21
O3 GOL F . -8.88 -25.16 18.10
#